data_6HE3
#
_entry.id   6HE3
#
_cell.length_a   151.006
_cell.length_b   122.183
_cell.length_c   65.489
_cell.angle_alpha   90.000
_cell.angle_beta   114.670
_cell.angle_gamma   90.000
#
_symmetry.space_group_name_H-M   'C 1 2 1'
#
loop_
_entity.id
_entity.type
_entity.pdbx_description
1 polymer 'Serine--tRNA ligase'
2 non-polymer 1,2-ETHANEDIOL
3 non-polymer "5'-O-(N-(L-seryl)-sulfamoyl)cytidine"
4 non-polymer 'SODIUM ION'
5 water water
#
_entity_poly.entity_id   1
_entity_poly.type   'polypeptide(L)'
_entity_poly.pdbx_seq_one_letter_code
;MLDPKLVRTQPQEVAARLATRGFQLDVARIEALEEQRKSVQTRTEQLQAERNARSKAIGQAKQRGEDIAPLLADVDRMGS
ELEEGKRQLDAIQGELDAMLLGIPNLPHESVPVGADEDANVEVRRWGTPKTFDFEVKDHVALGERHGWLDFETAAKLSGA
RFALMRGPIARLHRALAQFMINLHTAEHGYEEAYTPYLVQAPALQGTGQLPKFEEDLFKIGRDGEADLYLIPTAEVSLTN
IVSGQILDAKQLPLKFVAHTPCFRSEAGASGRDTRGMIRQHQFDKVEMVQIVDPATSYEALEGLTANAERVLQLLELPYR
VLALCTGDMGFGSTKTYDLEVWVPSQDKYREISSCSNCGDFQARRMQARYRNPETGKPELVHTLNGSGLAVGRTLVAVLE
NYQQADGSIRVPEVLKPYMAGIEVIG
;
_entity_poly.pdbx_strand_id   A,B
#
loop_
_chem_comp.id
_chem_comp.type
_chem_comp.name
_chem_comp.formula
EDO non-polymer 1,2-ETHANEDIOL 'C2 H6 O2'
FZQ non-polymer 5'-O-(N-(L-seryl)-sulfamoyl)cytidine 'C12 H19 N5 O9 S'
NA non-polymer 'SODIUM ION' 'Na 1'
#
# COMPACT_ATOMS: atom_id res chain seq x y z
N MET A 1 -12.22 18.82 11.60
CA MET A 1 -13.30 19.46 12.34
C MET A 1 -12.83 20.64 13.14
N LEU A 2 -13.59 21.73 13.11
CA LEU A 2 -13.30 22.93 13.91
C LEU A 2 -13.96 22.74 15.27
N ASP A 3 -13.66 23.60 16.26
CA ASP A 3 -14.31 23.50 17.57
C ASP A 3 -15.83 23.71 17.36
N PRO A 4 -16.69 22.70 17.65
CA PRO A 4 -18.13 22.86 17.37
C PRO A 4 -18.82 23.98 18.16
N LYS A 5 -18.29 24.32 19.36
CA LYS A 5 -18.83 25.42 20.19
C LYS A 5 -18.53 26.74 19.52
N LEU A 6 -17.32 26.86 18.93
CA LEU A 6 -16.85 28.04 18.20
C LEU A 6 -17.72 28.32 16.95
N VAL A 7 -17.99 27.28 16.13
CA VAL A 7 -18.82 27.39 14.92
C VAL A 7 -20.26 27.81 15.29
N ARG A 8 -20.84 27.19 16.33
CA ARG A 8 -22.23 27.44 16.77
C ARG A 8 -22.45 28.80 17.43
N THR A 9 -21.50 29.29 18.24
CA THR A 9 -21.63 30.56 18.97
C THR A 9 -21.08 31.77 18.22
N GLN A 10 -19.98 31.58 17.46
CA GLN A 10 -19.34 32.66 16.70
C GLN A 10 -19.36 32.34 15.19
N PRO A 11 -20.52 32.05 14.53
CA PRO A 11 -20.47 31.72 13.09
C PRO A 11 -19.86 32.82 12.22
N GLN A 12 -20.07 34.09 12.63
CA GLN A 12 -19.59 35.29 11.95
C GLN A 12 -18.06 35.44 11.98
N GLU A 13 -17.39 35.22 13.14
CA GLU A 13 -15.92 35.32 13.22
C GLU A 13 -15.24 34.15 12.49
N VAL A 14 -15.83 32.94 12.59
CA VAL A 14 -15.39 31.72 11.92
C VAL A 14 -15.53 31.92 10.41
N ALA A 15 -16.68 32.45 9.95
CA ALA A 15 -16.95 32.73 8.53
C ALA A 15 -15.94 33.70 7.92
N ALA A 16 -15.55 34.76 8.68
CA ALA A 16 -14.59 35.79 8.25
C ALA A 16 -13.18 35.21 8.07
N ARG A 17 -12.78 34.28 8.95
CA ARG A 17 -11.48 33.61 8.87
C ARG A 17 -11.47 32.60 7.70
N LEU A 18 -12.62 31.92 7.46
CA LEU A 18 -12.72 30.97 6.36
C LEU A 18 -12.80 31.66 5.00
N ALA A 19 -13.31 32.92 4.99
CA ALA A 19 -13.45 33.79 3.81
C ALA A 19 -12.06 34.10 3.21
N THR A 20 -10.99 34.08 4.05
CA THR A 20 -9.60 34.28 3.60
C THR A 20 -9.13 33.08 2.72
N ARG A 21 -9.75 31.89 2.90
CA ARG A 21 -9.47 30.71 2.06
C ARG A 21 -10.36 30.69 0.80
N GLY A 22 -11.28 31.65 0.69
CA GLY A 22 -12.25 31.73 -0.38
C GLY A 22 -13.47 30.84 -0.12
N PHE A 23 -13.57 30.25 1.10
CA PHE A 23 -14.65 29.36 1.49
C PHE A 23 -15.77 30.15 2.15
N GLN A 24 -17.01 29.97 1.67
CA GLN A 24 -18.20 30.69 2.17
C GLN A 24 -18.99 29.83 3.15
N LEU A 25 -18.78 30.06 4.47
CA LEU A 25 -19.49 29.33 5.53
C LEU A 25 -21.00 29.62 5.46
N ASP A 26 -21.83 28.57 5.55
CA ASP A 26 -23.27 28.74 5.50
C ASP A 26 -23.79 29.16 6.88
N VAL A 27 -23.53 30.42 7.26
CA VAL A 27 -23.93 31.06 8.52
C VAL A 27 -25.48 31.04 8.67
N ALA A 28 -26.22 31.26 7.55
CA ALA A 28 -27.69 31.27 7.58
C ALA A 28 -28.26 29.94 8.02
N ARG A 29 -27.72 28.82 7.48
CA ARG A 29 -28.16 27.46 7.82
CA ARG A 29 -28.13 27.44 7.79
C ARG A 29 -27.75 27.11 9.23
N ILE A 30 -26.51 27.49 9.65
CA ILE A 30 -26.03 27.25 11.03
C ILE A 30 -26.96 27.96 12.02
N GLU A 31 -27.30 29.23 11.75
CA GLU A 31 -28.18 30.01 12.61
C GLU A 31 -29.60 29.48 12.59
N ALA A 32 -30.09 28.99 11.44
CA ALA A 32 -31.45 28.44 11.34
C ALA A 32 -31.54 27.12 12.11
N LEU A 33 -30.49 26.29 12.06
CA LEU A 33 -30.45 25.02 12.80
C LEU A 33 -30.40 25.29 14.29
N GLU A 34 -29.67 26.35 14.69
CA GLU A 34 -29.54 26.79 16.07
C GLU A 34 -30.86 27.32 16.64
N GLU A 35 -31.63 28.05 15.81
CA GLU A 35 -32.94 28.58 16.15
C GLU A 35 -33.94 27.42 16.33
N GLN A 36 -33.85 26.38 15.46
CA GLN A 36 -34.69 25.18 15.50
C GLN A 36 -34.39 24.39 16.77
N ARG A 37 -33.09 24.20 17.09
CA ARG A 37 -32.65 23.48 18.29
C ARG A 37 -33.23 24.17 19.53
N LYS A 38 -33.07 25.52 19.63
CA LYS A 38 -33.55 26.35 20.73
C LYS A 38 -35.06 26.19 20.92
N SER A 39 -35.83 26.29 19.81
CA SER A 39 -37.28 26.16 19.75
C SER A 39 -37.73 24.77 20.27
N VAL A 40 -37.10 23.69 19.78
CA VAL A 40 -37.42 22.32 20.21
C VAL A 40 -37.04 22.11 21.69
N GLN A 41 -35.85 22.59 22.11
CA GLN A 41 -35.36 22.48 23.49
C GLN A 41 -36.29 23.18 24.50
N THR A 42 -36.76 24.40 24.18
CA THR A 42 -37.70 25.18 25.01
C THR A 42 -39.04 24.43 25.14
N ARG A 43 -39.53 23.84 24.03
CA ARG A 43 -40.75 23.05 24.00
C ARG A 43 -40.61 21.76 24.82
N THR A 44 -39.46 21.07 24.72
CA THR A 44 -39.21 19.83 25.49
C THR A 44 -39.11 20.10 27.00
N GLU A 45 -38.52 21.24 27.38
CA GLU A 45 -38.39 21.64 28.78
C GLU A 45 -39.77 21.95 29.39
N GLN A 46 -40.61 22.70 28.65
CA GLN A 46 -41.98 23.08 28.99
C GLN A 46 -42.86 21.82 29.13
N LEU A 47 -42.68 20.85 28.21
CA LEU A 47 -43.40 19.57 28.21
C LEU A 47 -42.97 18.70 29.37
N GLN A 48 -41.67 18.70 29.71
CA GLN A 48 -41.17 17.89 30.81
C GLN A 48 -41.76 18.39 32.12
N ALA A 49 -41.79 19.73 32.30
CA ALA A 49 -42.39 20.41 33.45
C ALA A 49 -43.88 20.04 33.54
N GLU A 50 -44.60 20.09 32.40
CA GLU A 50 -46.02 19.76 32.28
C GLU A 50 -46.32 18.28 32.63
N ARG A 51 -45.63 17.33 31.96
CA ARG A 51 -45.80 15.88 32.13
C ARG A 51 -45.51 15.41 33.58
N ASN A 52 -44.34 15.84 34.15
CA ASN A 52 -43.92 15.51 35.53
C ASN A 52 -44.95 15.99 36.56
N ALA A 53 -45.56 17.17 36.32
CA ALA A 53 -46.59 17.76 37.18
C ALA A 53 -47.90 16.97 37.07
N ARG A 54 -48.34 16.61 35.83
CA ARG A 54 -49.57 15.83 35.58
C ARG A 54 -49.46 14.40 36.15
N SER A 55 -48.24 13.80 36.12
CA SER A 55 -47.96 12.44 36.63
C SER A 55 -48.10 12.44 38.14
N LYS A 56 -47.60 13.50 38.78
CA LYS A 56 -47.69 13.66 40.23
C LYS A 56 -49.12 14.00 40.63
N ALA A 57 -49.85 14.75 39.79
CA ALA A 57 -51.24 15.12 39.99
C ALA A 57 -52.15 13.86 40.02
N ILE A 58 -51.78 12.79 39.28
CA ILE A 58 -52.51 11.52 39.25
C ILE A 58 -52.62 10.92 40.67
N GLY A 59 -51.50 10.89 41.39
CA GLY A 59 -51.42 10.42 42.77
C GLY A 59 -52.32 11.22 43.69
N GLN A 60 -52.31 12.56 43.53
CA GLN A 60 -53.12 13.52 44.29
C GLN A 60 -54.60 13.39 44.01
N ALA A 61 -54.98 13.19 42.71
CA ALA A 61 -56.36 13.00 42.24
C ALA A 61 -56.90 11.67 42.76
N LYS A 62 -56.01 10.64 42.85
CA LYS A 62 -56.35 9.32 43.39
C LYS A 62 -56.68 9.44 44.88
N GLN A 63 -55.94 10.32 45.58
CA GLN A 63 -56.14 10.56 47.03
C GLN A 63 -57.47 11.23 47.32
N ARG A 64 -58.02 11.97 46.34
CA ARG A 64 -59.31 12.64 46.43
C ARG A 64 -60.44 11.78 45.85
N GLY A 65 -60.08 10.62 45.30
CA GLY A 65 -61.02 9.68 44.68
C GLY A 65 -61.57 10.16 43.35
N GLU A 66 -60.82 11.04 42.65
CA GLU A 66 -61.18 11.63 41.35
C GLU A 66 -60.78 10.77 40.14
N ASP A 67 -61.40 11.03 38.97
CA ASP A 67 -61.14 10.35 37.70
C ASP A 67 -59.80 10.80 37.15
N ILE A 68 -58.86 9.85 36.99
CA ILE A 68 -57.50 10.13 36.52
C ILE A 68 -57.35 9.99 35.00
N ALA A 69 -58.40 9.51 34.30
CA ALA A 69 -58.45 9.36 32.84
C ALA A 69 -58.01 10.64 32.07
N PRO A 70 -58.56 11.86 32.32
CA PRO A 70 -58.05 13.05 31.61
C PRO A 70 -56.56 13.33 31.80
N LEU A 71 -56.04 13.05 33.03
CA LEU A 71 -54.63 13.26 33.40
C LEU A 71 -53.74 12.19 32.73
N LEU A 72 -54.23 10.94 32.67
CA LEU A 72 -53.51 9.83 32.03
C LEU A 72 -53.34 10.09 30.55
N ALA A 73 -54.39 10.61 29.89
CA ALA A 73 -54.40 10.95 28.46
C ALA A 73 -53.43 12.10 28.15
N ASP A 74 -53.33 13.10 29.04
CA ASP A 74 -52.41 14.23 28.91
C ASP A 74 -50.95 13.71 28.98
N VAL A 75 -50.64 12.91 30.02
CA VAL A 75 -49.33 12.29 30.28
C VAL A 75 -48.89 11.46 29.08
N ASP A 76 -49.80 10.65 28.51
CA ASP A 76 -49.51 9.80 27.37
C ASP A 76 -49.11 10.61 26.13
N ARG A 77 -49.90 11.65 25.80
CA ARG A 77 -49.69 12.57 24.67
C ARG A 77 -48.39 13.36 24.84
N MET A 78 -48.18 13.93 26.04
CA MET A 78 -46.99 14.72 26.38
C MET A 78 -45.71 13.91 26.26
N GLY A 79 -45.75 12.64 26.68
CA GLY A 79 -44.61 11.73 26.60
C GLY A 79 -44.28 11.36 25.17
N SER A 80 -45.33 11.12 24.35
CA SER A 80 -45.18 10.80 22.94
C SER A 80 -44.52 11.99 22.19
N GLU A 81 -44.92 13.24 22.53
CA GLU A 81 -44.35 14.45 21.92
C GLU A 81 -42.88 14.65 22.33
N LEU A 82 -42.53 14.29 23.58
CA LEU A 82 -41.16 14.39 24.12
C LEU A 82 -40.23 13.46 23.38
N GLU A 83 -40.70 12.25 23.03
CA GLU A 83 -39.97 11.26 22.24
C GLU A 83 -39.74 11.84 20.85
N GLU A 84 -40.73 12.60 20.32
CA GLU A 84 -40.56 13.25 19.02
C GLU A 84 -39.55 14.39 19.10
N GLY A 85 -39.66 15.23 20.14
CA GLY A 85 -38.73 16.35 20.41
C GLY A 85 -37.28 15.88 20.45
N LYS A 86 -37.05 14.70 21.03
CA LYS A 86 -35.76 14.01 21.15
C LYS A 86 -35.24 13.60 19.77
N ARG A 87 -36.10 12.95 18.94
CA ARG A 87 -35.73 12.54 17.57
C ARG A 87 -35.40 13.77 16.72
N GLN A 88 -36.13 14.88 16.94
CA GLN A 88 -35.94 16.14 16.23
C GLN A 88 -34.56 16.73 16.58
N LEU A 89 -34.24 16.83 17.88
CA LEU A 89 -32.95 17.31 18.41
C LEU A 89 -31.79 16.46 17.87
N ASP A 90 -31.96 15.12 17.81
CA ASP A 90 -30.95 14.21 17.26
C ASP A 90 -30.74 14.47 15.76
N ALA A 91 -31.84 14.63 15.00
CA ALA A 91 -31.77 14.89 13.57
C ALA A 91 -31.13 16.27 13.29
N ILE A 92 -31.40 17.30 14.13
CA ILE A 92 -30.79 18.63 13.98
C ILE A 92 -29.24 18.53 14.22
N GLN A 93 -28.83 17.83 15.30
CA GLN A 93 -27.42 17.62 15.67
C GLN A 93 -26.70 16.80 14.60
N GLY A 94 -27.38 15.77 14.06
CA GLY A 94 -26.86 14.96 12.97
C GLY A 94 -26.57 15.80 11.73
N GLU A 95 -27.50 16.71 11.36
CA GLU A 95 -27.33 17.60 10.20
C GLU A 95 -26.16 18.58 10.40
N LEU A 96 -26.04 19.17 11.60
CA LEU A 96 -24.96 20.10 11.90
C LEU A 96 -23.58 19.37 11.92
N ASP A 97 -23.53 18.13 12.48
CA ASP A 97 -22.32 17.28 12.49
C ASP A 97 -21.85 17.00 11.05
N ALA A 98 -22.76 16.61 10.14
CA ALA A 98 -22.43 16.35 8.74
C ALA A 98 -21.89 17.62 8.06
N MET A 99 -22.46 18.79 8.39
CA MET A 99 -22.02 20.08 7.87
C MET A 99 -20.61 20.45 8.37
N LEU A 100 -20.35 20.27 9.68
CA LEU A 100 -19.07 20.61 10.32
C LEU A 100 -17.91 19.75 9.80
N LEU A 101 -18.20 18.55 9.24
CA LEU A 101 -17.23 17.65 8.62
C LEU A 101 -16.78 18.13 7.24
N GLY A 102 -17.47 19.10 6.64
CA GLY A 102 -17.14 19.67 5.33
C GLY A 102 -16.46 21.02 5.36
N ILE A 103 -16.09 21.50 6.55
CA ILE A 103 -15.47 22.81 6.74
C ILE A 103 -13.93 22.71 6.79
N PRO A 104 -13.20 23.47 5.93
CA PRO A 104 -11.72 23.44 6.00
C PRO A 104 -11.20 23.98 7.33
N ASN A 105 -9.91 23.76 7.58
CA ASN A 105 -9.28 24.22 8.80
C ASN A 105 -9.13 25.75 8.82
N LEU A 106 -9.04 26.34 10.03
CA LEU A 106 -8.83 27.76 10.18
C LEU A 106 -7.34 28.10 9.94
N PRO A 107 -7.00 29.00 9.01
CA PRO A 107 -5.58 29.34 8.81
C PRO A 107 -5.03 30.07 10.04
N HIS A 108 -3.76 29.81 10.37
CA HIS A 108 -3.09 30.50 11.48
C HIS A 108 -2.94 32.00 11.11
N GLU A 109 -2.87 32.89 12.13
CA GLU A 109 -2.74 34.35 11.95
C GLU A 109 -1.48 34.75 11.18
N SER A 110 -0.43 33.92 11.25
CA SER A 110 0.84 34.16 10.56
C SER A 110 0.83 33.80 9.06
N VAL A 111 -0.30 33.24 8.55
CA VAL A 111 -0.40 32.86 7.14
C VAL A 111 -0.75 34.10 6.29
N PRO A 112 0.06 34.41 5.26
CA PRO A 112 -0.28 35.57 4.41
C PRO A 112 -1.68 35.42 3.79
N VAL A 113 -2.51 36.46 3.89
CA VAL A 113 -3.87 36.44 3.35
C VAL A 113 -3.78 36.65 1.85
N GLY A 114 -4.35 35.73 1.10
CA GLY A 114 -4.33 35.79 -0.36
C GLY A 114 -5.39 34.91 -0.94
N ALA A 115 -5.87 35.26 -2.14
CA ALA A 115 -6.93 34.54 -2.86
C ALA A 115 -6.42 33.37 -3.69
N ASP A 116 -5.21 33.48 -4.24
CA ASP A 116 -4.62 32.44 -5.09
C ASP A 116 -3.12 32.24 -4.84
N GLU A 117 -2.48 31.31 -5.58
CA GLU A 117 -1.07 30.96 -5.49
C GLU A 117 -0.12 32.14 -5.72
N ASP A 118 -0.58 33.22 -6.41
CA ASP A 118 0.25 34.40 -6.64
C ASP A 118 0.55 35.16 -5.33
N ALA A 119 -0.23 34.92 -4.25
CA ALA A 119 0.00 35.53 -2.94
C ALA A 119 0.90 34.64 -2.03
N ASN A 120 1.40 33.51 -2.56
CA ASN A 120 2.35 32.64 -1.87
C ASN A 120 3.69 33.37 -1.85
N VAL A 121 4.43 33.27 -0.73
CA VAL A 121 5.71 33.97 -0.59
C VAL A 121 6.88 33.00 -0.53
N GLU A 122 8.00 33.42 -1.11
CA GLU A 122 9.22 32.67 -1.00
C GLU A 122 9.80 32.99 0.39
N VAL A 123 10.09 31.96 1.19
CA VAL A 123 10.68 32.14 2.53
C VAL A 123 12.21 32.21 2.38
N ARG A 124 12.75 31.30 1.58
CA ARG A 124 14.20 31.17 1.33
C ARG A 124 14.39 30.16 0.21
N ARG A 125 15.62 30.06 -0.25
CA ARG A 125 16.07 29.09 -1.22
C ARG A 125 17.48 28.65 -0.84
N TRP A 126 17.91 27.47 -1.31
CA TRP A 126 19.21 26.89 -1.01
C TRP A 126 19.76 26.31 -2.28
N GLY A 127 21.05 26.52 -2.51
CA GLY A 127 21.73 26.01 -3.68
C GLY A 127 21.49 26.82 -4.93
N THR A 128 22.36 26.64 -5.92
CA THR A 128 22.29 27.35 -7.16
C THR A 128 22.03 26.39 -8.34
N PRO A 129 20.90 26.60 -9.06
CA PRO A 129 20.62 25.77 -10.25
C PRO A 129 21.80 25.83 -11.22
N LYS A 130 22.29 24.66 -11.62
CA LYS A 130 23.44 24.50 -12.49
C LYS A 130 23.25 25.13 -13.87
N THR A 131 24.30 25.74 -14.46
CA THR A 131 24.21 26.21 -15.84
C THR A 131 24.91 25.13 -16.65
N PHE A 132 24.17 24.45 -17.52
CA PHE A 132 24.76 23.36 -18.28
C PHE A 132 25.45 23.84 -19.55
N ASP A 133 26.58 23.18 -19.89
CA ASP A 133 27.40 23.47 -21.08
C ASP A 133 26.90 22.72 -22.33
N PHE A 134 25.63 22.24 -22.30
CA PHE A 134 24.97 21.49 -23.37
C PHE A 134 23.44 21.61 -23.23
N GLU A 135 22.67 21.16 -24.24
CA GLU A 135 21.21 21.19 -24.24
C GLU A 135 20.69 20.15 -23.24
N VAL A 136 20.00 20.61 -22.18
CA VAL A 136 19.51 19.71 -21.16
C VAL A 136 18.38 18.83 -21.69
N LYS A 137 18.38 17.58 -21.21
CA LYS A 137 17.36 16.59 -21.54
C LYS A 137 16.45 16.45 -20.34
N ASP A 138 15.17 16.15 -20.58
CA ASP A 138 14.22 15.91 -19.48
C ASP A 138 14.42 14.48 -18.98
N HIS A 139 13.79 14.11 -17.83
CA HIS A 139 13.94 12.78 -17.23
C HIS A 139 13.46 11.64 -18.12
N VAL A 140 12.41 11.89 -18.94
CA VAL A 140 11.83 10.93 -19.89
C VAL A 140 12.89 10.54 -20.93
N ALA A 141 13.50 11.55 -21.62
CA ALA A 141 14.57 11.30 -22.61
C ALA A 141 15.77 10.56 -21.97
N LEU A 142 16.21 11.00 -20.76
CA LEU A 142 17.33 10.38 -20.04
C LEU A 142 17.06 8.91 -19.64
N GLY A 143 15.90 8.67 -19.01
CA GLY A 143 15.53 7.34 -18.56
C GLY A 143 15.19 6.35 -19.65
N GLU A 144 14.70 6.83 -20.81
CA GLU A 144 14.29 5.94 -21.91
C GLU A 144 15.45 5.35 -22.70
N ARG A 145 16.63 5.99 -22.67
CA ARG A 145 17.86 5.66 -23.41
C ARG A 145 18.17 4.15 -23.48
N HIS A 146 18.12 3.44 -22.33
CA HIS A 146 18.39 2.00 -22.27
C HIS A 146 17.19 1.19 -21.78
N GLY A 147 16.02 1.85 -21.68
CA GLY A 147 14.76 1.25 -21.25
C GLY A 147 14.62 1.15 -19.74
N TRP A 148 15.50 1.85 -18.99
CA TRP A 148 15.56 1.83 -17.53
C TRP A 148 14.41 2.63 -16.87
N LEU A 149 13.75 3.51 -17.65
CA LEU A 149 12.54 4.24 -17.27
C LEU A 149 11.63 4.00 -18.47
N ASP A 150 10.53 3.25 -18.27
CA ASP A 150 9.65 2.77 -19.34
C ASP A 150 8.17 2.96 -18.97
N PHE A 151 7.53 3.93 -19.65
CA PHE A 151 6.13 4.30 -19.49
C PHE A 151 5.28 3.46 -20.43
N GLU A 152 5.89 3.01 -21.52
CA GLU A 152 5.24 2.20 -22.54
C GLU A 152 4.80 0.83 -22.00
N THR A 153 5.71 0.08 -21.32
CA THR A 153 5.39 -1.24 -20.74
C THR A 153 4.41 -1.06 -19.57
N ALA A 154 4.55 0.05 -18.82
CA ALA A 154 3.66 0.37 -17.70
C ALA A 154 2.23 0.62 -18.19
N ALA A 155 2.06 1.37 -19.31
CA ALA A 155 0.76 1.64 -19.93
C ALA A 155 0.16 0.33 -20.45
N LYS A 156 1.02 -0.57 -21.01
CA LYS A 156 0.55 -1.88 -21.49
C LYS A 156 -0.01 -2.71 -20.30
N LEU A 157 0.60 -2.57 -19.11
CA LEU A 157 0.15 -3.26 -17.91
C LEU A 157 -1.09 -2.64 -17.24
N SER A 158 -1.07 -1.32 -17.07
CA SER A 158 -1.95 -0.56 -16.19
C SER A 158 -2.63 0.69 -16.73
N GLY A 159 -2.35 1.05 -17.98
CA GLY A 159 -2.84 2.30 -18.55
C GLY A 159 -1.94 3.46 -18.17
N ALA A 160 -2.43 4.69 -18.42
CA ALA A 160 -1.74 5.95 -18.19
C ALA A 160 -1.40 6.21 -16.71
N ARG A 161 -0.37 7.05 -16.48
CA ARG A 161 0.11 7.55 -15.18
C ARG A 161 0.69 6.44 -14.27
N PHE A 162 1.43 5.51 -14.90
CA PHE A 162 2.17 4.44 -14.24
C PHE A 162 3.55 4.35 -14.85
N ALA A 163 4.50 3.81 -14.11
CA ALA A 163 5.88 3.70 -14.59
C ALA A 163 6.50 2.36 -14.27
N LEU A 164 7.39 1.93 -15.15
CA LEU A 164 8.23 0.77 -14.91
C LEU A 164 9.66 1.31 -14.87
N MET A 165 10.42 0.94 -13.83
CA MET A 165 11.83 1.27 -13.70
C MET A 165 12.62 -0.01 -13.67
N ARG A 166 13.81 -0.02 -14.28
CA ARG A 166 14.64 -1.21 -14.34
C ARG A 166 16.10 -0.87 -14.07
N GLY A 167 16.86 -1.90 -13.67
CA GLY A 167 18.29 -1.86 -13.41
C GLY A 167 18.77 -0.69 -12.55
N PRO A 168 19.77 0.07 -13.05
CA PRO A 168 20.32 1.17 -12.23
C PRO A 168 19.34 2.30 -11.89
N ILE A 169 18.31 2.57 -12.72
CA ILE A 169 17.31 3.61 -12.39
C ILE A 169 16.36 3.08 -11.30
N ALA A 170 15.92 1.78 -11.37
CA ALA A 170 15.13 1.16 -10.29
C ALA A 170 15.97 1.17 -9.00
N ARG A 171 17.29 0.83 -9.09
CA ARG A 171 18.19 0.85 -7.93
C ARG A 171 18.32 2.24 -7.34
N LEU A 172 18.42 3.28 -8.19
CA LEU A 172 18.55 4.66 -7.74
C LEU A 172 17.32 5.12 -7.00
N HIS A 173 16.14 4.73 -7.50
CA HIS A 173 14.86 5.05 -6.87
C HIS A 173 14.81 4.39 -5.48
N ARG A 174 15.22 3.10 -5.37
CA ARG A 174 15.23 2.38 -4.07
C ARG A 174 16.24 3.03 -3.10
N ALA A 175 17.41 3.41 -3.60
CA ALA A 175 18.51 4.04 -2.85
C ALA A 175 18.04 5.37 -2.23
N LEU A 176 17.22 6.14 -2.99
CA LEU A 176 16.65 7.41 -2.51
C LEU A 176 15.73 7.19 -1.33
N ALA A 177 14.79 6.23 -1.42
CA ALA A 177 13.83 5.93 -0.34
C ALA A 177 14.57 5.39 0.89
N GLN A 178 15.58 4.52 0.70
CA GLN A 178 16.38 3.97 1.80
C GLN A 178 17.17 5.08 2.52
N PHE A 179 17.82 5.97 1.75
CA PHE A 179 18.58 7.12 2.25
C PHE A 179 17.67 8.01 3.11
N MET A 180 16.44 8.30 2.59
CA MET A 180 15.43 9.13 3.29
C MET A 180 15.03 8.54 4.65
N ILE A 181 14.59 7.24 4.70
CA ILE A 181 14.20 6.58 5.96
C ILE A 181 15.37 6.49 6.94
N ASN A 182 16.58 6.17 6.42
CA ASN A 182 17.77 6.06 7.27
C ASN A 182 18.12 7.39 7.90
N LEU A 183 18.03 8.49 7.12
CA LEU A 183 18.29 9.85 7.60
C LEU A 183 17.33 10.25 8.72
N HIS A 184 16.02 10.09 8.49
CA HIS A 184 14.99 10.47 9.47
C HIS A 184 15.05 9.67 10.76
N THR A 185 15.36 8.37 10.68
CA THR A 185 15.45 7.53 11.87
C THR A 185 16.73 7.80 12.65
N ALA A 186 17.84 8.04 11.95
CA ALA A 186 19.13 8.27 12.59
C ALA A 186 19.36 9.68 13.10
N GLU A 187 18.92 10.69 12.35
CA GLU A 187 19.28 12.05 12.76
C GLU A 187 18.13 12.92 13.19
N HIS A 188 16.88 12.59 12.80
CA HIS A 188 15.76 13.47 13.04
C HIS A 188 14.76 13.05 14.12
N GLY A 189 15.04 11.95 14.83
CA GLY A 189 14.21 11.47 15.94
C GLY A 189 12.90 10.81 15.56
N TYR A 190 12.78 10.27 14.33
CA TYR A 190 11.55 9.59 13.89
C TYR A 190 11.60 8.08 14.13
N GLU A 191 10.47 7.52 14.56
CA GLU A 191 10.31 6.09 14.75
C GLU A 191 9.70 5.52 13.45
N GLU A 192 10.38 4.49 12.94
CA GLU A 192 9.99 3.84 11.72
C GLU A 192 8.72 2.99 11.89
N ALA A 193 7.85 3.00 10.86
CA ALA A 193 6.66 2.17 10.89
C ALA A 193 6.36 1.58 9.55
N TYR A 194 5.91 0.32 9.53
CA TYR A 194 5.37 -0.34 8.35
C TYR A 194 3.86 -0.32 8.60
N THR A 195 3.08 0.16 7.64
CA THR A 195 1.65 0.25 7.87
C THR A 195 0.82 -0.43 6.80
N PRO A 196 -0.48 -0.67 7.07
CA PRO A 196 -1.38 -1.09 5.98
C PRO A 196 -1.43 0.01 4.89
N TYR A 197 -1.63 -0.42 3.64
CA TYR A 197 -1.73 0.48 2.49
C TYR A 197 -3.20 0.58 2.08
N LEU A 198 -4.04 -0.26 2.69
CA LEU A 198 -5.51 -0.30 2.52
C LEU A 198 -6.09 0.02 3.87
N VAL A 199 -7.02 0.98 3.92
CA VAL A 199 -7.65 1.41 5.18
C VAL A 199 -9.15 1.50 4.99
N GLN A 200 -9.88 1.46 6.10
CA GLN A 200 -11.32 1.66 6.05
C GLN A 200 -11.60 3.18 6.13
N ALA A 201 -12.86 3.57 5.88
CA ALA A 201 -13.33 4.96 5.90
C ALA A 201 -13.01 5.76 7.20
N PRO A 202 -13.24 5.27 8.46
CA PRO A 202 -12.98 6.12 9.65
C PRO A 202 -11.56 6.74 9.71
N ALA A 203 -10.51 6.02 9.23
CA ALA A 203 -9.13 6.49 9.21
C ALA A 203 -9.00 7.71 8.26
N LEU A 204 -9.66 7.64 7.08
CA LEU A 204 -9.68 8.73 6.10
C LEU A 204 -10.50 9.93 6.59
N GLN A 205 -11.55 9.66 7.38
CA GLN A 205 -12.31 10.73 8.01
C GLN A 205 -11.47 11.41 9.11
N GLY A 206 -10.67 10.62 9.83
CA GLY A 206 -9.80 11.12 10.88
C GLY A 206 -8.79 12.12 10.36
N THR A 207 -8.22 11.89 9.16
CA THR A 207 -7.22 12.83 8.63
C THR A 207 -7.86 13.90 7.70
N GLY A 208 -9.11 13.72 7.28
CA GLY A 208 -9.80 14.74 6.49
C GLY A 208 -10.08 14.46 5.03
N GLN A 209 -9.53 13.37 4.45
CA GLN A 209 -9.83 12.99 3.05
C GLN A 209 -11.33 12.64 2.90
N LEU A 210 -11.95 12.08 3.96
CA LEU A 210 -13.40 11.78 4.00
C LEU A 210 -14.10 12.71 4.99
N PRO A 211 -15.36 13.12 4.74
CA PRO A 211 -16.27 12.63 3.67
C PRO A 211 -16.22 13.35 2.32
N LYS A 212 -15.49 14.46 2.21
CA LYS A 212 -15.50 15.34 1.04
C LYS A 212 -14.67 14.93 -0.17
N PHE A 213 -13.56 14.21 0.01
CA PHE A 213 -12.70 13.98 -1.15
C PHE A 213 -12.58 12.49 -1.52
N GLU A 214 -13.71 11.79 -1.43
CA GLU A 214 -13.79 10.38 -1.81
C GLU A 214 -13.34 10.13 -3.28
N GLU A 215 -13.73 11.03 -4.22
CA GLU A 215 -13.42 10.92 -5.66
C GLU A 215 -11.91 10.89 -5.98
N ASP A 216 -11.08 11.37 -5.06
CA ASP A 216 -9.61 11.42 -5.19
C ASP A 216 -8.93 10.09 -4.86
N LEU A 217 -9.71 9.16 -4.29
CA LEU A 217 -9.23 7.86 -3.81
C LEU A 217 -9.63 6.68 -4.65
N PHE A 218 -8.83 5.61 -4.58
CA PHE A 218 -9.15 4.32 -5.19
C PHE A 218 -9.83 3.52 -4.09
N LYS A 219 -11.02 3.02 -4.38
CA LYS A 219 -11.83 2.24 -3.46
C LYS A 219 -11.99 0.80 -3.97
N ILE A 220 -11.97 -0.15 -3.02
CA ILE A 220 -12.16 -1.58 -3.22
C ILE A 220 -13.52 -1.89 -2.59
N GLY A 221 -14.53 -2.07 -3.42
CA GLY A 221 -15.88 -2.42 -3.01
C GLY A 221 -15.93 -3.85 -2.53
N ARG A 222 -16.56 -4.09 -1.37
CA ARG A 222 -16.62 -5.43 -0.77
C ARG A 222 -18.04 -5.80 -0.32
N ASP A 223 -18.53 -6.95 -0.81
CA ASP A 223 -19.88 -7.48 -0.54
C ASP A 223 -20.05 -7.92 0.93
N GLY A 224 -20.86 -7.17 1.68
CA GLY A 224 -21.14 -7.41 3.09
C GLY A 224 -19.93 -7.27 3.98
N GLU A 225 -19.05 -6.30 3.61
CA GLU A 225 -17.79 -5.96 4.28
C GLU A 225 -17.59 -4.46 4.15
N ALA A 226 -16.84 -3.86 5.10
CA ALA A 226 -16.51 -2.45 5.04
C ALA A 226 -15.58 -2.27 3.83
N ASP A 227 -15.81 -1.22 3.05
CA ASP A 227 -14.96 -0.98 1.90
C ASP A 227 -13.53 -0.59 2.32
N LEU A 228 -12.58 -0.87 1.44
CA LEU A 228 -11.19 -0.52 1.65
C LEU A 228 -10.82 0.53 0.64
N TYR A 229 -9.89 1.40 1.03
CA TYR A 229 -9.38 2.44 0.16
C TYR A 229 -7.89 2.32 0.18
N LEU A 230 -7.26 2.58 -0.96
CA LEU A 230 -5.81 2.64 -1.06
C LEU A 230 -5.37 3.95 -0.48
N ILE A 231 -4.37 3.92 0.41
CA ILE A 231 -3.90 5.16 1.05
C ILE A 231 -3.35 6.18 0.03
N PRO A 232 -3.78 7.47 0.09
CA PRO A 232 -3.20 8.47 -0.83
C PRO A 232 -1.82 8.97 -0.35
N THR A 233 -1.50 8.65 0.93
CA THR A 233 -0.30 9.09 1.67
C THR A 233 -0.26 8.33 3.00
N ALA A 234 0.94 8.07 3.56
CA ALA A 234 1.10 7.41 4.88
C ALA A 234 0.64 8.34 6.02
N GLU A 235 0.33 9.59 5.70
CA GLU A 235 -0.26 10.52 6.67
C GLU A 235 -1.54 9.87 7.25
N VAL A 236 -2.34 9.23 6.40
CA VAL A 236 -3.59 8.57 6.79
C VAL A 236 -3.37 7.46 7.83
N SER A 237 -2.49 6.49 7.51
CA SER A 237 -2.25 5.37 8.42
C SER A 237 -1.45 5.78 9.70
N LEU A 238 -0.40 6.61 9.54
CA LEU A 238 0.46 7.06 10.64
C LEU A 238 -0.26 7.93 11.67
N THR A 239 -0.99 8.97 11.22
CA THR A 239 -1.68 9.89 12.13
C THR A 239 -2.75 9.16 12.96
N ASN A 240 -3.44 8.19 12.35
CA ASN A 240 -4.47 7.39 12.99
C ASN A 240 -3.95 6.32 13.98
N ILE A 241 -2.60 6.19 14.16
CA ILE A 241 -2.04 5.27 15.16
C ILE A 241 -2.58 5.66 16.57
N VAL A 242 -2.70 6.98 16.82
CA VAL A 242 -3.16 7.58 18.10
C VAL A 242 -4.67 7.88 18.17
N SER A 243 -5.49 7.48 17.18
CA SER A 243 -6.93 7.76 17.28
C SER A 243 -7.60 7.06 18.48
N GLY A 244 -8.53 7.77 19.11
CA GLY A 244 -9.29 7.31 20.26
C GLY A 244 -8.50 7.20 21.54
N GLN A 245 -7.25 7.66 21.55
CA GLN A 245 -6.37 7.54 22.73
C GLN A 245 -6.24 8.80 23.59
N ILE A 246 -5.91 8.61 24.87
CA ILE A 246 -5.59 9.68 25.81
C ILE A 246 -4.14 9.38 26.15
N LEU A 247 -3.20 10.10 25.53
CA LEU A 247 -1.77 9.88 25.73
C LEU A 247 -1.23 10.54 27.00
N ASP A 248 -0.12 10.00 27.52
CA ASP A 248 0.59 10.61 28.65
C ASP A 248 1.38 11.76 28.02
N ALA A 249 1.40 12.95 28.63
CA ALA A 249 2.13 14.12 28.12
C ALA A 249 3.63 13.83 27.94
N LYS A 250 4.15 12.83 28.67
CA LYS A 250 5.53 12.36 28.62
C LYS A 250 5.84 11.63 27.30
N GLN A 251 4.79 11.09 26.63
CA GLN A 251 4.91 10.40 25.34
C GLN A 251 5.06 11.39 24.17
N LEU A 252 4.73 12.68 24.41
CA LEU A 252 4.80 13.72 23.39
C LEU A 252 6.20 14.36 23.27
N PRO A 253 6.74 14.61 22.06
CA PRO A 253 6.14 14.33 20.74
C PRO A 253 6.29 12.89 20.26
N LEU A 254 5.28 12.37 19.54
CA LEU A 254 5.38 11.07 18.87
C LEU A 254 5.74 11.40 17.44
N LYS A 255 6.89 10.91 16.97
CA LYS A 255 7.38 11.21 15.63
C LYS A 255 7.48 9.92 14.83
N PHE A 256 6.74 9.85 13.68
CA PHE A 256 6.71 8.66 12.84
C PHE A 256 7.18 8.90 11.45
N VAL A 257 7.85 7.90 10.89
CA VAL A 257 8.28 7.91 9.50
C VAL A 257 7.91 6.57 8.86
N ALA A 258 7.42 6.63 7.61
CA ALA A 258 7.07 5.45 6.83
C ALA A 258 7.40 5.71 5.37
N HIS A 259 7.88 4.66 4.70
CA HIS A 259 8.12 4.66 3.28
C HIS A 259 6.99 3.82 2.70
N THR A 260 6.10 4.44 1.94
CA THR A 260 5.00 3.67 1.36
C THR A 260 4.71 4.07 -0.09
N PRO A 261 4.10 3.16 -0.91
CA PRO A 261 3.54 3.62 -2.19
C PRO A 261 2.30 4.45 -1.81
N CYS A 262 1.91 5.41 -2.65
CA CYS A 262 0.78 6.34 -2.48
C CYS A 262 -0.07 6.30 -3.74
N PHE A 263 -1.38 6.16 -3.58
CA PHE A 263 -2.32 5.93 -4.70
C PHE A 263 -3.37 7.01 -4.79
N ARG A 264 -3.45 7.66 -5.95
CA ARG A 264 -4.37 8.79 -6.15
C ARG A 264 -5.04 8.66 -7.51
N SER A 265 -6.38 8.81 -7.54
CA SER A 265 -7.19 8.74 -8.78
C SER A 265 -6.81 9.89 -9.72
N GLU A 266 -6.29 10.99 -9.12
CA GLU A 266 -5.84 12.22 -9.76
C GLU A 266 -6.99 12.87 -10.56
N ALA A 267 -8.20 12.84 -9.96
CA ALA A 267 -9.45 13.38 -10.51
C ALA A 267 -9.56 14.89 -10.27
N ARG A 272 -2.70 17.64 -16.89
CA ARG A 272 -1.46 18.11 -16.29
C ARG A 272 -0.44 16.99 -16.06
N ASP A 273 0.81 17.21 -16.52
CA ASP A 273 1.96 16.30 -16.43
C ASP A 273 1.65 14.90 -17.01
N THR A 274 1.23 14.87 -18.29
CA THR A 274 0.87 13.67 -19.07
C THR A 274 2.11 12.81 -19.35
N ARG A 275 3.19 13.44 -19.86
CA ARG A 275 4.50 12.83 -20.15
C ARG A 275 5.31 12.87 -18.84
N GLY A 276 5.85 11.73 -18.43
CA GLY A 276 6.69 11.67 -17.23
C GLY A 276 6.17 11.01 -15.98
N MET A 277 6.97 11.15 -14.91
CA MET A 277 6.82 10.56 -13.58
C MET A 277 6.42 11.58 -12.49
N ILE A 278 6.06 12.80 -12.86
CA ILE A 278 5.72 13.86 -11.91
C ILE A 278 4.35 13.62 -11.25
N ARG A 279 3.32 13.26 -12.05
CA ARG A 279 1.95 13.07 -11.54
C ARG A 279 1.38 11.69 -11.88
N GLN A 280 1.81 10.69 -11.10
CA GLN A 280 1.44 9.29 -11.26
C GLN A 280 0.27 8.89 -10.36
N HIS A 281 -0.43 7.79 -10.72
CA HIS A 281 -1.51 7.25 -9.90
C HIS A 281 -0.88 6.55 -8.68
N GLN A 282 0.38 6.08 -8.84
CA GLN A 282 1.16 5.39 -7.83
C GLN A 282 2.52 6.06 -7.74
N PHE A 283 2.95 6.40 -6.52
CA PHE A 283 4.27 6.98 -6.29
C PHE A 283 4.71 6.64 -4.90
N ASP A 284 6.03 6.48 -4.70
CA ASP A 284 6.58 6.22 -3.38
C ASP A 284 6.79 7.53 -2.67
N LYS A 285 6.55 7.53 -1.38
CA LYS A 285 6.76 8.71 -0.58
C LYS A 285 7.21 8.35 0.84
N VAL A 286 8.27 9.03 1.32
CA VAL A 286 8.73 8.85 2.69
C VAL A 286 8.05 9.97 3.50
N GLU A 287 7.03 9.57 4.27
CA GLU A 287 6.19 10.46 5.07
C GLU A 287 6.65 10.68 6.51
N MET A 288 6.68 11.94 6.97
CA MET A 288 7.00 12.30 8.36
C MET A 288 5.73 12.79 9.04
N VAL A 289 5.41 12.25 10.21
CA VAL A 289 4.21 12.62 10.97
C VAL A 289 4.59 12.92 12.42
N GLN A 290 4.04 14.01 13.00
CA GLN A 290 4.30 14.31 14.41
C GLN A 290 2.98 14.46 15.17
N ILE A 291 2.90 13.88 16.37
CA ILE A 291 1.75 13.99 17.29
C ILE A 291 2.35 14.82 18.41
N VAL A 292 1.92 16.10 18.54
CA VAL A 292 2.58 16.98 19.49
C VAL A 292 1.67 17.69 20.48
N ASP A 293 2.32 18.25 21.52
CA ASP A 293 1.72 19.11 22.53
C ASP A 293 1.29 20.40 21.78
N PRO A 294 -0.02 20.79 21.87
CA PRO A 294 -0.52 22.00 21.18
C PRO A 294 0.30 23.28 21.29
N ALA A 295 1.00 23.47 22.44
CA ALA A 295 1.84 24.65 22.68
C ALA A 295 3.09 24.67 21.80
N THR A 296 3.55 23.50 21.31
CA THR A 296 4.80 23.36 20.53
C THR A 296 4.62 23.19 19.01
N SER A 297 3.37 23.08 18.50
CA SER A 297 3.13 22.71 17.09
C SER A 297 3.70 23.64 16.01
N TYR A 298 3.75 24.96 16.23
CA TYR A 298 4.28 25.87 15.20
C TYR A 298 5.79 25.81 15.14
N GLU A 299 6.43 25.54 16.27
CA GLU A 299 7.89 25.37 16.35
C GLU A 299 8.19 24.03 15.67
N ALA A 300 7.35 22.97 15.97
CA ALA A 300 7.41 21.64 15.36
C ALA A 300 7.34 21.73 13.84
N LEU A 301 6.46 22.61 13.26
CA LEU A 301 6.35 22.82 11.81
C LEU A 301 7.69 23.30 11.19
N GLU A 302 8.37 24.25 11.85
CA GLU A 302 9.66 24.76 11.43
C GLU A 302 10.71 23.63 11.36
N GLY A 303 10.74 22.77 12.38
CA GLY A 303 11.63 21.62 12.45
C GLY A 303 11.32 20.56 11.42
N LEU A 304 10.02 20.29 11.22
CA LEU A 304 9.52 19.35 10.22
C LEU A 304 9.98 19.78 8.81
N THR A 305 9.81 21.08 8.50
CA THR A 305 10.23 21.66 7.22
C THR A 305 11.75 21.50 7.03
N ALA A 306 12.54 21.74 8.08
CA ALA A 306 14.00 21.57 8.06
C ALA A 306 14.40 20.10 7.84
N ASN A 307 13.63 19.13 8.40
CA ASN A 307 13.90 17.70 8.17
C ASN A 307 13.78 17.31 6.68
N ALA A 308 12.78 17.91 5.98
CA ALA A 308 12.56 17.68 4.56
C ALA A 308 13.63 18.38 3.71
N GLU A 309 14.01 19.63 4.08
CA GLU A 309 15.06 20.39 3.38
C GLU A 309 16.40 19.66 3.42
N ARG A 310 16.69 18.98 4.55
CA ARG A 310 17.92 18.22 4.79
C ARG A 310 18.15 17.14 3.74
N VAL A 311 17.07 16.51 3.24
CA VAL A 311 17.14 15.48 2.18
C VAL A 311 17.68 16.13 0.89
N LEU A 312 17.13 17.31 0.51
CA LEU A 312 17.53 18.06 -0.67
C LEU A 312 18.95 18.61 -0.56
N GLN A 313 19.30 19.16 0.62
CA GLN A 313 20.65 19.68 0.90
C GLN A 313 21.67 18.56 0.76
N LEU A 314 21.44 17.41 1.39
CA LEU A 314 22.37 16.28 1.33
C LEU A 314 22.51 15.69 -0.10
N LEU A 315 21.43 15.73 -0.89
CA LEU A 315 21.43 15.30 -2.29
C LEU A 315 21.96 16.41 -3.21
N GLU A 316 22.22 17.62 -2.64
CA GLU A 316 22.74 18.83 -3.32
C GLU A 316 21.79 19.26 -4.45
N LEU A 317 20.49 19.22 -4.14
CA LEU A 317 19.47 19.60 -5.10
C LEU A 317 18.96 21.00 -4.80
N PRO A 318 19.19 21.98 -5.70
CA PRO A 318 18.70 23.35 -5.42
C PRO A 318 17.20 23.35 -5.25
N TYR A 319 16.73 24.06 -4.23
CA TYR A 319 15.31 24.12 -3.93
C TYR A 319 14.90 25.49 -3.39
N ARG A 320 13.60 25.69 -3.24
CA ARG A 320 13.00 26.91 -2.72
C ARG A 320 11.90 26.50 -1.72
N VAL A 321 11.73 27.31 -0.67
CA VAL A 321 10.73 27.09 0.37
C VAL A 321 9.67 28.18 0.18
N LEU A 322 8.40 27.77 0.04
CA LEU A 322 7.30 28.73 -0.11
C LEU A 322 6.36 28.63 1.04
N ALA A 323 5.94 29.78 1.59
CA ALA A 323 4.91 29.79 2.63
C ALA A 323 3.60 29.94 1.85
N LEU A 324 2.69 28.97 1.98
CA LEU A 324 1.41 29.01 1.25
C LEU A 324 0.49 30.07 1.85
N CYS A 325 -0.24 30.80 1.00
CA CYS A 325 -1.16 31.83 1.48
C CYS A 325 -2.51 31.15 1.84
N THR A 326 -3.41 31.90 2.50
CA THR A 326 -4.73 31.42 2.94
C THR A 326 -5.53 30.72 1.81
N GLY A 327 -5.46 31.26 0.60
CA GLY A 327 -6.21 30.74 -0.54
C GLY A 327 -5.56 29.61 -1.32
N ASP A 328 -4.39 29.12 -0.87
CA ASP A 328 -3.71 28.02 -1.56
C ASP A 328 -3.37 26.83 -0.63
N MET A 329 -4.16 26.61 0.43
CA MET A 329 -3.84 25.53 1.37
C MET A 329 -4.73 24.31 1.26
N GLY A 330 -4.22 23.20 1.78
CA GLY A 330 -4.95 21.94 1.89
C GLY A 330 -6.05 22.08 2.92
N PHE A 331 -7.10 21.23 2.80
CA PHE A 331 -8.30 21.23 3.63
C PHE A 331 -8.04 21.22 5.14
N GLY A 332 -7.17 20.31 5.58
CA GLY A 332 -6.86 20.11 7.00
C GLY A 332 -5.74 20.94 7.56
N SER A 333 -5.13 21.84 6.76
CA SER A 333 -3.99 22.64 7.22
C SER A 333 -4.34 24.01 7.76
N THR A 334 -3.60 24.45 8.82
CA THR A 334 -3.65 25.79 9.45
C THR A 334 -2.45 26.62 8.91
N LYS A 335 -1.36 25.94 8.52
CA LYS A 335 -0.14 26.54 7.98
C LYS A 335 0.67 25.51 7.20
N THR A 336 1.11 25.86 6.00
CA THR A 336 1.90 25.00 5.14
C THR A 336 3.11 25.69 4.52
N TYR A 337 4.23 24.94 4.47
CA TYR A 337 5.44 25.26 3.72
C TYR A 337 5.58 24.22 2.62
N ASP A 338 5.73 24.66 1.38
CA ASP A 338 5.97 23.73 0.25
C ASP A 338 7.44 23.80 -0.14
N LEU A 339 8.05 22.66 -0.44
CA LEU A 339 9.41 22.65 -0.95
C LEU A 339 9.27 22.42 -2.45
N GLU A 340 10.03 23.17 -3.23
CA GLU A 340 10.06 23.12 -4.69
C GLU A 340 11.50 22.85 -5.11
N VAL A 341 11.75 21.78 -5.87
CA VAL A 341 13.10 21.41 -6.32
C VAL A 341 13.35 21.96 -7.72
N TRP A 342 14.61 22.29 -8.02
CA TRP A 342 14.98 22.77 -9.35
C TRP A 342 14.88 21.65 -10.39
N VAL A 343 14.19 21.94 -11.52
CA VAL A 343 14.01 20.99 -12.63
C VAL A 343 14.59 21.63 -13.90
N PRO A 344 15.89 21.32 -14.20
CA PRO A 344 16.58 21.91 -15.37
C PRO A 344 15.80 22.00 -16.70
N SER A 345 15.15 20.90 -17.17
CA SER A 345 14.43 20.91 -18.46
C SER A 345 13.19 21.83 -18.49
N GLN A 346 12.65 22.19 -17.32
CA GLN A 346 11.47 23.06 -17.21
C GLN A 346 11.87 24.50 -16.91
N ASP A 347 13.14 24.71 -16.51
CA ASP A 347 13.72 26.02 -16.16
C ASP A 347 12.88 26.70 -15.04
N LYS A 348 12.53 25.90 -14.01
CA LYS A 348 11.73 26.33 -12.85
C LYS A 348 11.84 25.33 -11.71
N TYR A 349 11.36 25.73 -10.52
CA TYR A 349 11.27 24.89 -9.34
C TYR A 349 9.92 24.20 -9.40
N ARG A 350 9.86 22.89 -9.01
CA ARG A 350 8.63 22.12 -8.98
C ARG A 350 8.43 21.49 -7.62
N GLU A 351 7.18 21.48 -7.14
CA GLU A 351 6.80 20.94 -5.83
C GLU A 351 7.35 19.52 -5.60
N ILE A 352 7.95 19.27 -4.43
CA ILE A 352 8.52 17.98 -4.03
C ILE A 352 8.05 17.56 -2.61
N SER A 353 7.50 18.52 -1.84
CA SER A 353 7.02 18.27 -0.47
C SER A 353 6.06 19.35 -0.02
N SER A 354 5.13 18.99 0.87
CA SER A 354 4.22 19.90 1.55
C SER A 354 4.33 19.56 3.03
N CYS A 355 4.71 20.53 3.89
CA CYS A 355 4.83 20.33 5.34
C CYS A 355 3.79 21.20 6.01
N SER A 356 2.86 20.57 6.72
CA SER A 356 1.73 21.25 7.31
C SER A 356 1.56 21.05 8.79
N ASN A 357 1.04 22.10 9.45
CA ASN A 357 0.59 22.00 10.83
C ASN A 357 -0.94 21.89 10.69
N CYS A 358 -1.53 20.86 11.28
CA CYS A 358 -2.98 20.66 11.20
C CYS A 358 -3.70 21.22 12.42
N GLY A 359 -2.95 21.68 13.43
CA GLY A 359 -3.55 22.15 14.67
C GLY A 359 -4.22 20.95 15.33
N ASP A 360 -5.44 21.15 15.89
CA ASP A 360 -6.21 20.10 16.55
C ASP A 360 -7.35 19.50 15.65
N PHE A 361 -7.40 19.88 14.34
CA PHE A 361 -8.42 19.54 13.35
C PHE A 361 -8.58 18.04 13.11
N GLN A 362 -7.44 17.34 12.83
CA GLN A 362 -7.47 15.89 12.63
C GLN A 362 -7.70 15.19 13.98
N ALA A 363 -7.04 15.70 15.05
CA ALA A 363 -7.16 15.18 16.41
C ALA A 363 -8.63 15.17 16.88
N ARG A 364 -9.41 16.22 16.55
CA ARG A 364 -10.83 16.30 16.87
C ARG A 364 -11.62 15.18 16.16
N ARG A 365 -11.38 14.99 14.84
CA ARG A 365 -12.06 13.94 14.06
C ARG A 365 -11.74 12.53 14.58
N MET A 366 -10.49 12.28 15.03
CA MET A 366 -10.11 10.93 15.51
C MET A 366 -10.09 10.77 17.04
N GLN A 367 -10.39 11.84 17.80
CA GLN A 367 -10.40 11.88 19.25
C GLN A 367 -9.05 11.43 19.82
N ALA A 368 -7.97 11.97 19.22
CA ALA A 368 -6.58 11.78 19.61
C ALA A 368 -6.31 12.86 20.66
N ARG A 369 -6.12 12.43 21.89
CA ARG A 369 -5.95 13.32 23.03
C ARG A 369 -4.70 13.01 23.85
N TYR A 370 -4.44 13.87 24.84
CA TYR A 370 -3.34 13.74 25.81
C TYR A 370 -3.86 14.28 27.13
N ARG A 371 -3.37 13.75 28.25
CA ARG A 371 -3.77 14.25 29.57
C ARG A 371 -2.88 15.46 29.94
N ASN A 372 -3.47 16.67 29.96
CA ASN A 372 -2.80 17.92 30.30
C ASN A 372 -2.26 17.86 31.74
N PRO A 373 -0.95 18.10 31.99
CA PRO A 373 -0.42 18.00 33.37
C PRO A 373 -0.97 19.02 34.36
N GLU A 374 -1.34 20.23 33.87
CA GLU A 374 -1.89 21.30 34.70
C GLU A 374 -3.32 21.01 35.17
N THR A 375 -4.24 20.70 34.23
CA THR A 375 -5.66 20.43 34.52
C THR A 375 -5.96 18.97 34.89
N GLY A 376 -5.24 18.03 34.29
CA GLY A 376 -5.45 16.60 34.49
C GLY A 376 -6.58 16.06 33.64
N LYS A 377 -7.12 16.93 32.73
CA LYS A 377 -8.24 16.65 31.83
C LYS A 377 -7.75 16.28 30.43
N PRO A 378 -8.41 15.36 29.69
CA PRO A 378 -7.94 15.02 28.33
C PRO A 378 -8.16 16.18 27.37
N GLU A 379 -7.11 16.56 26.63
CA GLU A 379 -7.15 17.66 25.66
C GLU A 379 -6.66 17.14 24.32
N LEU A 380 -7.09 17.77 23.22
CA LEU A 380 -6.69 17.37 21.87
C LEU A 380 -5.21 17.68 21.60
N VAL A 381 -4.55 16.76 20.92
CA VAL A 381 -3.14 16.94 20.55
C VAL A 381 -3.14 17.75 19.25
N HIS A 382 -1.95 18.16 18.79
CA HIS A 382 -1.84 18.79 17.48
C HIS A 382 -1.15 17.76 16.58
N THR A 383 -1.43 17.78 15.27
CA THR A 383 -0.79 16.84 14.35
C THR A 383 -0.13 17.60 13.22
N LEU A 384 0.97 17.04 12.69
CA LEU A 384 1.73 17.58 11.59
C LEU A 384 2.15 16.46 10.68
N ASN A 385 2.29 16.78 9.40
CA ASN A 385 2.75 15.82 8.40
C ASN A 385 3.56 16.56 7.36
N GLY A 386 4.51 15.85 6.75
CA GLY A 386 5.36 16.45 5.72
C GLY A 386 6.07 15.41 4.90
N SER A 387 6.22 15.69 3.60
CA SER A 387 6.91 14.76 2.70
C SER A 387 8.40 14.89 2.90
N GLY A 388 9.09 13.78 3.12
CA GLY A 388 10.55 13.83 3.30
C GLY A 388 11.31 12.74 2.55
N LEU A 389 11.08 12.52 1.24
CA LEU A 389 10.26 13.29 0.27
C LEU A 389 9.40 12.38 -0.60
N ALA A 390 8.68 12.96 -1.62
CA ALA A 390 8.01 12.19 -2.70
C ALA A 390 9.21 11.61 -3.51
N VAL A 391 9.33 10.27 -3.52
CA VAL A 391 10.51 9.58 -4.08
C VAL A 391 10.60 9.68 -5.61
N GLY A 392 9.48 9.52 -6.30
CA GLY A 392 9.46 9.64 -7.76
C GLY A 392 9.93 11.00 -8.24
N ARG A 393 9.47 12.09 -7.59
CA ARG A 393 9.86 13.47 -7.94
C ARG A 393 11.32 13.76 -7.61
N THR A 394 11.86 13.14 -6.54
CA THR A 394 13.26 13.30 -6.20
C THR A 394 14.09 12.62 -7.28
N LEU A 395 13.63 11.46 -7.79
CA LEU A 395 14.32 10.74 -8.86
C LEU A 395 14.37 11.60 -10.10
N VAL A 396 13.24 12.25 -10.46
CA VAL A 396 13.17 13.19 -11.60
C VAL A 396 14.27 14.27 -11.41
N ALA A 397 14.35 14.85 -10.19
CA ALA A 397 15.32 15.89 -9.82
C ALA A 397 16.76 15.39 -9.90
N VAL A 398 17.02 14.13 -9.46
CA VAL A 398 18.38 13.54 -9.50
C VAL A 398 18.81 13.31 -10.97
N LEU A 399 17.93 12.69 -11.78
CA LEU A 399 18.23 12.43 -13.20
C LEU A 399 18.57 13.71 -13.98
N GLU A 400 17.79 14.77 -13.77
CA GLU A 400 17.96 16.01 -14.50
C GLU A 400 19.10 16.89 -13.99
N ASN A 401 19.28 17.01 -12.66
CA ASN A 401 20.34 17.85 -12.11
C ASN A 401 21.71 17.21 -12.22
N TYR A 402 21.78 15.87 -12.28
CA TYR A 402 23.01 15.09 -12.35
C TYR A 402 23.38 14.60 -13.74
N GLN A 403 22.62 15.00 -14.76
CA GLN A 403 22.89 14.59 -16.15
C GLN A 403 24.21 15.16 -16.66
N GLN A 404 24.89 14.37 -17.52
CA GLN A 404 26.18 14.70 -18.14
C GLN A 404 25.96 14.88 -19.64
N ALA A 405 26.98 15.38 -20.37
CA ALA A 405 26.90 15.67 -21.81
C ALA A 405 26.48 14.48 -22.69
N ASP A 406 26.97 13.27 -22.39
CA ASP A 406 26.67 12.05 -23.14
C ASP A 406 25.29 11.41 -22.82
N GLY A 407 24.57 11.97 -21.86
CA GLY A 407 23.27 11.47 -21.42
C GLY A 407 23.38 10.57 -20.20
N SER A 408 24.61 10.39 -19.68
CA SER A 408 24.81 9.59 -18.49
C SER A 408 24.43 10.41 -17.25
N ILE A 409 24.25 9.72 -16.11
CA ILE A 409 23.84 10.38 -14.87
C ILE A 409 24.88 10.10 -13.81
N ARG A 410 25.45 11.15 -13.21
CA ARG A 410 26.41 10.99 -12.10
C ARG A 410 25.58 10.65 -10.85
N VAL A 411 26.03 9.64 -10.07
CA VAL A 411 25.31 9.24 -8.84
C VAL A 411 25.62 10.25 -7.72
N PRO A 412 24.59 10.88 -7.04
CA PRO A 412 24.89 11.77 -5.90
C PRO A 412 25.75 11.05 -4.86
N GLU A 413 26.67 11.79 -4.20
CA GLU A 413 27.56 11.23 -3.18
C GLU A 413 26.87 10.35 -2.14
N VAL A 414 25.81 10.89 -1.49
CA VAL A 414 25.09 10.20 -0.39
C VAL A 414 24.39 8.91 -0.84
N LEU A 415 24.20 8.73 -2.18
CA LEU A 415 23.55 7.55 -2.73
C LEU A 415 24.51 6.43 -3.15
N LYS A 416 25.83 6.73 -3.32
CA LYS A 416 26.85 5.74 -3.73
C LYS A 416 26.90 4.48 -2.82
N PRO A 417 26.76 4.58 -1.45
CA PRO A 417 26.74 3.34 -0.62
C PRO A 417 25.59 2.35 -0.92
N TYR A 418 24.51 2.83 -1.57
CA TYR A 418 23.35 2.01 -1.91
C TYR A 418 23.38 1.54 -3.35
N MET A 419 24.34 2.03 -4.16
CA MET A 419 24.40 1.76 -5.60
C MET A 419 25.40 0.70 -6.05
N ALA A 420 25.90 -0.13 -5.11
CA ALA A 420 26.80 -1.28 -5.35
C ALA A 420 27.92 -0.98 -6.33
N GLY A 421 28.69 0.07 -6.03
CA GLY A 421 29.84 0.48 -6.81
C GLY A 421 29.58 1.35 -8.02
N ILE A 422 28.29 1.52 -8.42
CA ILE A 422 27.90 2.35 -9.58
C ILE A 422 28.04 3.81 -9.19
N GLU A 423 28.80 4.55 -9.99
CA GLU A 423 29.04 5.98 -9.77
C GLU A 423 28.47 6.81 -10.90
N VAL A 424 28.32 6.20 -12.07
CA VAL A 424 27.78 6.83 -13.27
C VAL A 424 26.77 5.86 -13.89
N ILE A 425 25.56 6.35 -14.18
CA ILE A 425 24.50 5.54 -14.78
C ILE A 425 24.50 5.80 -16.29
N GLY A 426 24.71 4.72 -17.07
CA GLY A 426 24.73 4.75 -18.53
C GLY A 426 25.95 5.49 -19.07
N MET B 1 -2.45 -21.01 -21.09
CA MET B 1 -3.15 -21.84 -22.06
C MET B 1 -2.31 -22.98 -22.57
N LEU B 2 -2.95 -24.12 -22.82
CA LEU B 2 -2.27 -25.31 -23.38
C LEU B 2 -2.09 -25.17 -24.89
N ASP B 3 -1.18 -25.97 -25.49
CA ASP B 3 -0.95 -25.99 -26.93
C ASP B 3 -2.29 -26.43 -27.55
N PRO B 4 -2.94 -25.55 -28.35
CA PRO B 4 -4.26 -25.90 -28.92
C PRO B 4 -4.25 -27.14 -29.83
N LYS B 5 -3.09 -27.40 -30.48
CA LYS B 5 -2.85 -28.55 -31.35
C LYS B 5 -2.96 -29.84 -30.53
N LEU B 6 -2.41 -29.84 -29.30
CA LEU B 6 -2.40 -30.97 -28.36
C LEU B 6 -3.82 -31.31 -27.89
N VAL B 7 -4.64 -30.26 -27.61
CA VAL B 7 -6.04 -30.39 -27.19
C VAL B 7 -6.92 -30.89 -28.38
N ARG B 8 -6.34 -30.98 -29.59
CA ARG B 8 -7.01 -31.46 -30.81
C ARG B 8 -6.47 -32.83 -31.28
N THR B 9 -5.14 -33.00 -31.36
CA THR B 9 -4.46 -34.22 -31.80
C THR B 9 -4.39 -35.33 -30.73
N GLN B 10 -4.28 -34.95 -29.44
CA GLN B 10 -4.21 -35.89 -28.31
C GLN B 10 -5.22 -35.53 -27.19
N PRO B 11 -6.56 -35.43 -27.46
CA PRO B 11 -7.49 -35.04 -26.38
C PRO B 11 -7.55 -35.97 -25.16
N GLN B 12 -7.38 -37.29 -25.36
CA GLN B 12 -7.43 -38.30 -24.29
C GLN B 12 -6.17 -38.31 -23.43
N GLU B 13 -4.98 -38.17 -24.06
CA GLU B 13 -3.70 -38.12 -23.35
C GLU B 13 -3.59 -36.84 -22.52
N VAL B 14 -4.12 -35.71 -23.05
CA VAL B 14 -4.16 -34.40 -22.38
C VAL B 14 -5.13 -34.49 -21.18
N ALA B 15 -6.31 -35.12 -21.37
CA ALA B 15 -7.30 -35.32 -20.30
C ALA B 15 -6.78 -36.24 -19.21
N ALA B 16 -6.03 -37.33 -19.57
CA ALA B 16 -5.46 -38.26 -18.59
C ALA B 16 -4.37 -37.57 -17.73
N ARG B 17 -3.52 -36.74 -18.36
CA ARG B 17 -2.48 -35.96 -17.67
C ARG B 17 -3.08 -34.90 -16.74
N LEU B 18 -4.17 -34.23 -17.19
CA LEU B 18 -4.88 -33.21 -16.39
C LEU B 18 -5.65 -33.84 -15.24
N ALA B 19 -6.08 -35.12 -15.39
CA ALA B 19 -6.84 -35.86 -14.39
C ALA B 19 -6.03 -36.07 -13.10
N THR B 20 -4.67 -36.12 -13.22
CA THR B 20 -3.75 -36.28 -12.09
C THR B 20 -3.81 -35.07 -11.14
N ARG B 21 -4.24 -33.89 -11.65
CA ARG B 21 -4.43 -32.63 -10.91
C ARG B 21 -5.85 -32.56 -10.31
N GLY B 22 -6.70 -33.52 -10.66
CA GLY B 22 -8.09 -33.53 -10.24
C GLY B 22 -8.97 -32.71 -11.16
N PHE B 23 -8.44 -32.31 -12.34
CA PHE B 23 -9.19 -31.53 -13.34
C PHE B 23 -9.83 -32.45 -14.38
N GLN B 24 -11.12 -32.22 -14.66
CA GLN B 24 -11.88 -32.99 -15.64
C GLN B 24 -11.99 -32.21 -16.96
N LEU B 25 -11.16 -32.57 -17.96
CA LEU B 25 -11.18 -31.94 -19.29
C LEU B 25 -12.49 -32.26 -20.00
N ASP B 26 -13.26 -31.21 -20.38
CA ASP B 26 -14.55 -31.36 -21.09
C ASP B 26 -14.29 -31.74 -22.55
N VAL B 27 -13.89 -33.01 -22.74
CA VAL B 27 -13.61 -33.62 -24.06
C VAL B 27 -14.84 -33.54 -24.97
N ALA B 28 -16.05 -33.69 -24.39
CA ALA B 28 -17.34 -33.62 -25.10
C ALA B 28 -17.54 -32.27 -25.80
N ARG B 29 -17.36 -31.15 -25.08
CA ARG B 29 -17.50 -29.79 -25.63
C ARG B 29 -16.46 -29.48 -26.71
N ILE B 30 -15.18 -29.91 -26.53
CA ILE B 30 -14.11 -29.69 -27.51
C ILE B 30 -14.38 -30.48 -28.79
N GLU B 31 -14.72 -31.79 -28.67
CA GLU B 31 -15.05 -32.66 -29.82
C GLU B 31 -16.27 -32.11 -30.59
N ALA B 32 -17.22 -31.48 -29.87
CA ALA B 32 -18.44 -30.88 -30.44
C ALA B 32 -18.12 -29.56 -31.15
N LEU B 33 -17.34 -28.66 -30.51
CA LEU B 33 -16.95 -27.37 -31.09
C LEU B 33 -16.01 -27.53 -32.30
N GLU B 34 -15.25 -28.65 -32.34
CA GLU B 34 -14.36 -28.98 -33.46
C GLU B 34 -15.21 -29.50 -34.63
N GLU B 35 -16.32 -30.24 -34.32
CA GLU B 35 -17.26 -30.77 -35.30
C GLU B 35 -18.21 -29.68 -35.81
N GLN B 36 -18.44 -28.63 -34.99
CA GLN B 36 -19.31 -27.49 -35.32
C GLN B 36 -18.60 -26.52 -36.27
N ARG B 37 -17.33 -26.17 -35.97
CA ARG B 37 -16.49 -25.27 -36.76
C ARG B 37 -16.13 -25.87 -38.12
N LYS B 38 -15.99 -27.22 -38.18
CA LYS B 38 -15.70 -27.97 -39.41
C LYS B 38 -16.90 -27.97 -40.36
N SER B 39 -18.12 -27.90 -39.80
CA SER B 39 -19.38 -27.85 -40.54
C SER B 39 -19.70 -26.43 -41.03
N VAL B 40 -19.40 -25.40 -40.18
CA VAL B 40 -19.62 -23.99 -40.51
C VAL B 40 -18.68 -23.49 -41.62
N GLN B 41 -17.41 -23.98 -41.61
CA GLN B 41 -16.39 -23.63 -42.62
C GLN B 41 -16.72 -24.27 -43.97
N THR B 42 -17.30 -25.49 -43.95
CA THR B 42 -17.69 -26.24 -45.14
C THR B 42 -18.90 -25.59 -45.83
N ARG B 43 -19.96 -25.28 -45.07
CA ARG B 43 -21.19 -24.66 -45.57
C ARG B 43 -20.96 -23.19 -45.90
N ASP B 90 -16.71 -16.62 -35.65
CA ASP B 90 -16.17 -15.91 -34.50
C ASP B 90 -16.80 -16.38 -33.19
N ALA B 91 -18.11 -16.71 -33.23
CA ALA B 91 -18.90 -17.17 -32.08
C ALA B 91 -18.40 -18.50 -31.49
N ILE B 92 -18.15 -19.50 -32.36
CA ILE B 92 -17.66 -20.83 -31.98
C ILE B 92 -16.22 -20.80 -31.44
N GLN B 93 -15.41 -19.81 -31.89
CA GLN B 93 -14.03 -19.65 -31.42
C GLN B 93 -14.04 -18.99 -30.04
N GLY B 94 -14.92 -18.00 -29.85
CA GLY B 94 -15.10 -17.24 -28.62
C GLY B 94 -15.44 -18.09 -27.40
N GLU B 95 -16.25 -19.15 -27.60
CA GLU B 95 -16.64 -20.10 -26.56
C GLU B 95 -15.50 -21.07 -26.24
N LEU B 96 -14.76 -21.51 -27.30
CA LEU B 96 -13.60 -22.41 -27.15
C LEU B 96 -12.47 -21.69 -26.42
N ASP B 97 -12.22 -20.40 -26.74
CA ASP B 97 -11.19 -19.56 -26.11
C ASP B 97 -11.38 -19.45 -24.60
N ALA B 98 -12.63 -19.21 -24.13
CA ALA B 98 -12.99 -19.14 -22.70
C ALA B 98 -12.78 -20.48 -22.00
N MET B 99 -13.09 -21.59 -22.71
CA MET B 99 -12.86 -22.96 -22.23
C MET B 99 -11.35 -23.20 -22.09
N LEU B 100 -10.57 -22.86 -23.15
CA LEU B 100 -9.11 -22.99 -23.20
C LEU B 100 -8.42 -22.19 -22.12
N LEU B 101 -8.96 -21.00 -21.75
CA LEU B 101 -8.44 -20.14 -20.68
C LEU B 101 -8.75 -20.66 -19.26
N GLY B 102 -9.62 -21.68 -19.13
CA GLY B 102 -9.98 -22.27 -17.85
C GLY B 102 -9.25 -23.59 -17.57
N ILE B 103 -8.33 -23.97 -18.46
CA ILE B 103 -7.60 -25.23 -18.35
C ILE B 103 -6.27 -25.05 -17.60
N PRO B 104 -6.00 -25.83 -16.51
CA PRO B 104 -4.70 -25.70 -15.83
C PRO B 104 -3.55 -26.30 -16.66
N ASN B 105 -2.32 -25.94 -16.31
CA ASN B 105 -1.13 -26.39 -17.02
C ASN B 105 -0.90 -27.90 -16.90
N LEU B 106 -0.21 -28.46 -17.88
CA LEU B 106 0.09 -29.88 -17.85
C LEU B 106 1.25 -30.13 -16.89
N PRO B 107 1.10 -31.00 -15.86
CA PRO B 107 2.24 -31.26 -14.96
C PRO B 107 3.34 -32.01 -15.72
N HIS B 108 4.61 -31.65 -15.47
CA HIS B 108 5.77 -32.30 -16.08
C HIS B 108 5.82 -33.77 -15.62
N GLU B 109 6.40 -34.67 -16.43
CA GLU B 109 6.49 -36.11 -16.16
C GLU B 109 7.15 -36.47 -14.81
N SER B 110 8.12 -35.64 -14.36
CA SER B 110 8.86 -35.82 -13.11
C SER B 110 8.05 -35.43 -11.85
N VAL B 111 6.85 -34.84 -12.02
CA VAL B 111 6.03 -34.40 -10.89
C VAL B 111 5.34 -35.59 -10.21
N PRO B 112 5.52 -35.79 -8.88
CA PRO B 112 4.85 -36.93 -8.23
C PRO B 112 3.33 -36.84 -8.40
N VAL B 113 2.70 -37.96 -8.74
CA VAL B 113 1.25 -38.05 -8.94
C VAL B 113 0.61 -38.29 -7.56
N GLY B 114 -0.26 -37.37 -7.16
CA GLY B 114 -0.98 -37.43 -5.89
C GLY B 114 -2.22 -36.57 -5.91
N ALA B 115 -3.12 -36.77 -4.93
CA ALA B 115 -4.40 -36.05 -4.83
C ALA B 115 -4.40 -34.76 -4.02
N ASP B 116 -3.56 -34.71 -2.96
CA ASP B 116 -3.50 -33.57 -2.04
C ASP B 116 -2.09 -33.34 -1.49
N GLU B 117 -1.94 -32.35 -0.57
CA GLU B 117 -0.68 -31.96 0.06
C GLU B 117 0.04 -33.11 0.78
N ASP B 118 -0.72 -34.13 1.24
CA ASP B 118 -0.17 -35.32 1.91
C ASP B 118 0.68 -36.17 0.95
N ALA B 119 0.47 -36.03 -0.38
CA ALA B 119 1.24 -36.73 -1.41
C ALA B 119 2.45 -35.90 -1.93
N ASN B 120 2.69 -34.69 -1.35
CA ASN B 120 3.87 -33.87 -1.68
C ASN B 120 5.11 -34.60 -1.14
N VAL B 121 6.25 -34.49 -1.88
CA VAL B 121 7.48 -35.20 -1.53
C VAL B 121 8.58 -34.26 -1.02
N GLU B 122 9.14 -34.56 0.16
CA GLU B 122 10.28 -33.83 0.70
C GLU B 122 11.50 -34.29 -0.13
N VAL B 123 12.17 -33.34 -0.82
CA VAL B 123 13.32 -33.70 -1.66
C VAL B 123 14.64 -33.50 -0.89
N ARG B 124 14.66 -32.52 0.00
CA ARG B 124 15.83 -32.24 0.83
C ARG B 124 15.46 -31.27 1.96
N ARG B 125 16.43 -31.09 2.85
CA ARG B 125 16.35 -30.21 4.02
CA ARG B 125 16.34 -30.16 3.98
C ARG B 125 17.68 -29.45 4.10
N TRP B 126 17.76 -28.45 4.98
CA TRP B 126 18.98 -27.69 5.25
C TRP B 126 18.83 -27.19 6.67
N GLY B 127 19.88 -27.34 7.46
CA GLY B 127 19.92 -26.87 8.84
C GLY B 127 19.14 -27.71 9.81
N THR B 128 19.51 -27.58 11.10
CA THR B 128 18.89 -28.28 12.22
C THR B 128 18.01 -27.30 13.00
N PRO B 129 16.69 -27.61 13.10
CA PRO B 129 15.80 -26.76 13.91
C PRO B 129 16.32 -26.71 15.34
N LYS B 130 16.43 -25.49 15.91
CA LYS B 130 16.98 -25.29 17.25
C LYS B 130 16.15 -25.94 18.37
N THR B 131 16.87 -26.47 19.37
CA THR B 131 16.31 -27.02 20.61
C THR B 131 16.51 -25.89 21.62
N PHE B 132 15.39 -25.38 22.15
CA PHE B 132 15.38 -24.27 23.08
C PHE B 132 15.37 -24.76 24.54
N ASP B 133 16.15 -24.08 25.42
CA ASP B 133 16.26 -24.43 26.85
C ASP B 133 15.24 -23.64 27.71
N PHE B 134 14.09 -23.30 27.11
CA PHE B 134 13.00 -22.53 27.71
C PHE B 134 11.73 -22.73 26.87
N GLU B 135 10.58 -22.25 27.38
CA GLU B 135 9.29 -22.35 26.70
C GLU B 135 9.26 -21.35 25.50
N VAL B 136 9.06 -21.90 24.29
CA VAL B 136 9.03 -21.16 23.04
C VAL B 136 7.77 -20.28 22.91
N LYS B 137 7.96 -19.02 22.51
CA LYS B 137 6.92 -18.04 22.25
C LYS B 137 6.69 -17.91 20.74
N ASP B 138 5.48 -17.49 20.34
CA ASP B 138 5.18 -17.26 18.92
C ASP B 138 5.55 -15.82 18.57
N HIS B 139 5.57 -15.48 17.26
CA HIS B 139 5.94 -14.14 16.81
C HIS B 139 5.02 -13.03 17.38
N VAL B 140 3.74 -13.39 17.62
CA VAL B 140 2.70 -12.50 18.16
C VAL B 140 3.07 -12.07 19.59
N ALA B 141 3.39 -13.05 20.46
CA ALA B 141 3.81 -12.80 21.84
C ALA B 141 5.12 -11.99 21.88
N LEU B 142 6.10 -12.39 21.05
CA LEU B 142 7.41 -11.72 20.97
C LEU B 142 7.29 -10.28 20.54
N GLY B 143 6.58 -10.05 19.44
CA GLY B 143 6.43 -8.72 18.87
C GLY B 143 5.52 -7.76 19.59
N GLU B 144 4.47 -8.27 20.27
CA GLU B 144 3.51 -7.41 20.95
C GLU B 144 4.01 -6.81 22.24
N ARG B 145 5.11 -7.36 22.81
CA ARG B 145 5.65 -6.97 24.11
C ARG B 145 5.94 -5.45 24.29
N HIS B 146 6.45 -4.76 23.26
CA HIS B 146 6.74 -3.31 23.34
C HIS B 146 5.88 -2.47 22.36
N GLY B 147 4.92 -3.12 21.69
CA GLY B 147 4.04 -2.51 20.70
C GLY B 147 4.66 -2.44 19.32
N TRP B 148 5.81 -3.11 19.12
CA TRP B 148 6.55 -3.10 17.86
C TRP B 148 5.92 -3.94 16.75
N LEU B 149 5.05 -4.90 17.11
CA LEU B 149 4.22 -5.68 16.20
C LEU B 149 2.85 -5.49 16.79
N ASP B 150 2.00 -4.74 16.06
CA ASP B 150 0.69 -4.30 16.52
C ASP B 150 -0.48 -4.65 15.57
N PHE B 151 -1.22 -5.70 15.93
CA PHE B 151 -2.39 -6.18 15.18
C PHE B 151 -3.65 -5.39 15.49
N GLU B 152 -3.78 -4.92 16.73
CA GLU B 152 -4.91 -4.14 17.22
C GLU B 152 -5.05 -2.76 16.55
N THR B 153 -3.93 -1.99 16.39
CA THR B 153 -3.97 -0.67 15.75
C THR B 153 -4.29 -0.87 14.26
N ALA B 154 -3.67 -1.91 13.66
CA ALA B 154 -3.88 -2.28 12.25
C ALA B 154 -5.35 -2.65 12.02
N ALA B 155 -5.98 -3.37 13.01
CA ALA B 155 -7.41 -3.75 12.92
C ALA B 155 -8.29 -2.50 13.04
N LYS B 156 -7.93 -1.57 13.94
CA LYS B 156 -8.63 -0.30 14.10
C LYS B 156 -8.60 0.51 12.77
N LEU B 157 -7.47 0.47 12.04
CA LEU B 157 -7.30 1.15 10.76
C LEU B 157 -8.01 0.47 9.60
N SER B 158 -7.81 -0.85 9.46
CA SER B 158 -8.16 -1.59 8.25
C SER B 158 -8.95 -2.88 8.39
N GLY B 159 -9.22 -3.31 9.62
CA GLY B 159 -9.91 -4.58 9.87
C GLY B 159 -8.91 -5.71 9.99
N ALA B 160 -9.40 -6.96 9.91
CA ALA B 160 -8.58 -8.17 10.05
C ALA B 160 -7.58 -8.41 8.91
N ARG B 161 -6.52 -9.19 9.21
CA ARG B 161 -5.44 -9.63 8.30
C ARG B 161 -4.54 -8.46 7.84
N PHE B 162 -4.38 -7.44 8.71
CA PHE B 162 -3.46 -6.33 8.51
C PHE B 162 -2.52 -6.24 9.70
N ALA B 163 -1.35 -5.61 9.51
CA ALA B 163 -0.36 -5.47 10.57
C ALA B 163 0.26 -4.09 10.56
N LEU B 164 0.62 -3.60 11.77
CA LEU B 164 1.39 -2.39 11.98
C LEU B 164 2.72 -2.84 12.63
N MET B 165 3.84 -2.44 12.03
CA MET B 165 5.16 -2.70 12.58
C MET B 165 5.81 -1.38 12.95
N ARG B 166 6.54 -1.35 14.07
CA ARG B 166 7.15 -0.12 14.57
C ARG B 166 8.58 -0.36 15.03
N GLY B 167 9.36 0.72 15.00
CA GLY B 167 10.73 0.77 15.48
C GLY B 167 11.64 -0.33 15.00
N PRO B 168 12.25 -1.11 15.93
CA PRO B 168 13.19 -2.16 15.50
C PRO B 168 12.55 -3.32 14.73
N ILE B 169 11.24 -3.61 14.94
CA ILE B 169 10.59 -4.70 14.19
C ILE B 169 10.31 -4.22 12.77
N ALA B 170 9.91 -2.94 12.61
CA ALA B 170 9.71 -2.32 11.30
C ALA B 170 11.06 -2.29 10.57
N ARG B 171 12.14 -1.90 11.28
CA ARG B 171 13.50 -1.85 10.70
C ARG B 171 13.99 -3.23 10.27
N LEU B 172 13.69 -4.30 11.06
CA LEU B 172 14.08 -5.68 10.76
C LEU B 172 13.38 -6.21 9.49
N HIS B 173 12.09 -5.86 9.32
CA HIS B 173 11.31 -6.22 8.14
C HIS B 173 11.92 -5.54 6.90
N ARG B 174 12.27 -4.24 7.01
CA ARG B 174 12.90 -3.48 5.92
C ARG B 174 14.29 -4.06 5.57
N ALA B 175 15.07 -4.40 6.59
CA ALA B 175 16.38 -5.04 6.49
C ALA B 175 16.27 -6.37 5.70
N LEU B 176 15.24 -7.16 5.97
CA LEU B 176 14.99 -8.43 5.27
C LEU B 176 14.77 -8.27 3.78
N ALA B 177 13.90 -7.32 3.37
CA ALA B 177 13.59 -7.06 1.96
C ALA B 177 14.81 -6.52 1.22
N GLN B 178 15.57 -5.61 1.87
CA GLN B 178 16.77 -4.99 1.30
C GLN B 178 17.86 -6.03 1.07
N PHE B 179 18.11 -6.87 2.07
CA PHE B 179 19.08 -7.97 1.98
C PHE B 179 18.72 -8.91 0.81
N MET B 180 17.42 -9.26 0.69
CA MET B 180 16.93 -10.14 -0.38
C MET B 180 17.20 -9.55 -1.77
N ILE B 181 16.81 -8.29 -2.02
CA ILE B 181 16.98 -7.67 -3.34
C ILE B 181 18.47 -7.41 -3.65
N ASN B 182 19.26 -7.05 -2.63
CA ASN B 182 20.70 -6.85 -2.76
C ASN B 182 21.39 -8.14 -3.12
N LEU B 183 20.97 -9.26 -2.50
CA LEU B 183 21.50 -10.59 -2.78
C LEU B 183 21.24 -11.03 -4.24
N HIS B 184 19.98 -10.95 -4.69
CA HIS B 184 19.63 -11.41 -6.06
C HIS B 184 20.23 -10.56 -7.15
N THR B 185 20.34 -9.25 -6.92
CA THR B 185 20.96 -8.35 -7.91
C THR B 185 22.48 -8.47 -7.97
N ALA B 186 23.14 -8.70 -6.82
CA ALA B 186 24.60 -8.81 -6.80
C ALA B 186 25.11 -10.17 -7.18
N GLU B 187 24.47 -11.24 -6.68
CA GLU B 187 24.99 -12.60 -6.83
C GLU B 187 24.23 -13.55 -7.72
N HIS B 188 22.94 -13.27 -8.01
CA HIS B 188 22.13 -14.26 -8.72
C HIS B 188 21.76 -13.87 -10.16
N GLY B 189 22.23 -12.74 -10.63
CA GLY B 189 22.05 -12.26 -11.99
C GLY B 189 20.71 -11.64 -12.32
N TYR B 190 19.92 -11.23 -11.31
CA TYR B 190 18.60 -10.61 -11.56
C TYR B 190 18.74 -9.13 -11.73
N GLU B 191 17.97 -8.56 -12.65
CA GLU B 191 17.90 -7.14 -12.91
C GLU B 191 16.70 -6.62 -12.09
N GLU B 192 16.96 -5.57 -11.29
CA GLU B 192 15.97 -4.94 -10.43
C GLU B 192 14.89 -4.25 -11.24
N ALA B 193 13.64 -4.26 -10.72
CA ALA B 193 12.54 -3.54 -11.35
C ALA B 193 11.56 -2.99 -10.34
N TYR B 194 11.09 -1.77 -10.59
CA TYR B 194 10.03 -1.15 -9.78
C TYR B 194 8.84 -1.22 -10.71
N THR B 195 7.74 -1.79 -10.26
CA THR B 195 6.61 -1.91 -11.16
C THR B 195 5.34 -1.27 -10.60
N PRO B 196 4.31 -1.10 -11.44
CA PRO B 196 2.99 -0.74 -10.91
C PRO B 196 2.47 -1.89 -10.00
N TYR B 197 1.67 -1.55 -8.97
CA TYR B 197 1.06 -2.51 -8.03
C TYR B 197 -0.42 -2.65 -8.37
N LEU B 198 -0.89 -1.82 -9.32
CA LEU B 198 -2.25 -1.82 -9.86
C LEU B 198 -2.13 -2.20 -11.33
N VAL B 199 -2.86 -3.23 -11.76
CA VAL B 199 -2.82 -3.68 -13.16
C VAL B 199 -4.23 -3.81 -13.71
N GLN B 200 -4.36 -3.85 -15.03
CA GLN B 200 -5.63 -4.08 -15.69
C GLN B 200 -5.74 -5.60 -15.95
N ALA B 201 -6.97 -6.08 -16.26
CA ALA B 201 -7.29 -7.48 -16.53
C ALA B 201 -6.33 -8.21 -17.55
N PRO B 202 -5.93 -7.65 -18.73
CA PRO B 202 -5.05 -8.44 -19.64
C PRO B 202 -3.74 -8.97 -19.02
N ALA B 203 -3.11 -8.22 -18.11
CA ALA B 203 -1.87 -8.65 -17.44
C ALA B 203 -2.13 -9.88 -16.54
N LEU B 204 -3.26 -9.88 -15.81
CA LEU B 204 -3.63 -11.01 -14.95
C LEU B 204 -4.01 -12.25 -15.77
N GLN B 205 -4.61 -12.04 -16.97
CA GLN B 205 -4.92 -13.13 -17.87
C GLN B 205 -3.62 -13.69 -18.47
N GLY B 206 -2.63 -12.83 -18.71
CA GLY B 206 -1.34 -13.25 -19.22
C GLY B 206 -0.65 -14.27 -18.33
N THR B 207 -0.72 -14.07 -16.99
CA THR B 207 -0.07 -15.00 -16.04
C THR B 207 -1.02 -16.09 -15.49
N GLY B 208 -2.31 -16.00 -15.78
CA GLY B 208 -3.27 -17.05 -15.41
C GLY B 208 -4.19 -16.84 -14.24
N GLN B 209 -4.12 -15.68 -13.54
CA GLN B 209 -5.02 -15.37 -12.40
C GLN B 209 -6.42 -15.08 -12.93
N LEU B 210 -6.49 -14.54 -14.16
CA LEU B 210 -7.75 -14.32 -14.86
C LEU B 210 -7.84 -15.26 -16.07
N PRO B 211 -9.04 -15.74 -16.41
CA PRO B 211 -10.37 -15.38 -15.86
C PRO B 211 -10.87 -16.13 -14.60
N LYS B 212 -10.32 -17.32 -14.35
CA LYS B 212 -10.76 -18.27 -13.32
C LYS B 212 -10.61 -17.84 -11.85
N PHE B 213 -9.63 -16.99 -11.49
CA PHE B 213 -9.43 -16.70 -10.07
C PHE B 213 -9.64 -15.24 -9.68
N GLU B 214 -10.69 -14.59 -10.24
CA GLU B 214 -11.00 -13.19 -9.92
C GLU B 214 -11.28 -12.94 -8.42
N GLU B 215 -12.01 -13.85 -7.76
CA GLU B 215 -12.40 -13.81 -6.35
C GLU B 215 -11.22 -13.68 -5.36
N ASP B 216 -10.00 -14.09 -5.77
CA ASP B 216 -8.79 -14.02 -4.95
C ASP B 216 -8.13 -12.64 -5.01
N LEU B 217 -8.62 -11.77 -5.88
CA LEU B 217 -8.05 -10.43 -6.07
C LEU B 217 -8.88 -9.31 -5.47
N PHE B 218 -8.24 -8.18 -5.22
CA PHE B 218 -8.91 -6.96 -4.80
C PHE B 218 -9.03 -6.13 -6.07
N LYS B 219 -10.27 -5.82 -6.46
CA LYS B 219 -10.58 -5.04 -7.64
C LYS B 219 -10.98 -3.60 -7.28
N ILE B 220 -10.49 -2.63 -8.07
CA ILE B 220 -10.89 -1.23 -7.97
C ILE B 220 -11.77 -1.00 -9.18
N GLY B 221 -13.06 -0.84 -8.93
CA GLY B 221 -14.05 -0.55 -9.96
C GLY B 221 -13.94 0.89 -10.37
N ARG B 222 -13.72 1.14 -11.67
CA ARG B 222 -13.59 2.49 -12.23
C ARG B 222 -14.64 2.77 -13.31
N ASP B 223 -15.27 3.96 -13.21
CA ASP B 223 -16.33 4.45 -14.11
C ASP B 223 -15.76 5.01 -15.42
N GLY B 224 -16.21 4.47 -16.54
CA GLY B 224 -15.81 4.88 -17.88
C GLY B 224 -14.35 4.65 -18.23
N GLU B 225 -13.67 3.81 -17.42
CA GLU B 225 -12.28 3.39 -17.53
C GLU B 225 -12.24 1.91 -17.24
N ALA B 226 -11.17 1.23 -17.67
CA ALA B 226 -10.97 -0.19 -17.38
C ALA B 226 -10.65 -0.30 -15.89
N ASP B 227 -11.17 -1.32 -15.23
CA ASP B 227 -10.96 -1.58 -13.82
C ASP B 227 -9.51 -1.94 -13.57
N LEU B 228 -9.07 -1.69 -12.34
CA LEU B 228 -7.72 -2.01 -11.89
C LEU B 228 -7.81 -3.07 -10.80
N TYR B 229 -6.75 -3.84 -10.67
CA TYR B 229 -6.63 -4.89 -9.68
C TYR B 229 -5.33 -4.67 -8.99
N LEU B 230 -5.31 -4.90 -7.69
CA LEU B 230 -4.10 -4.84 -6.87
C LEU B 230 -3.37 -6.13 -7.17
N ILE B 231 -2.07 -6.05 -7.45
CA ILE B 231 -1.30 -7.26 -7.75
C ILE B 231 -1.24 -8.24 -6.56
N PRO B 232 -1.50 -9.54 -6.80
CA PRO B 232 -1.37 -10.52 -5.72
C PRO B 232 0.09 -10.97 -5.52
N THR B 233 0.97 -10.60 -6.48
CA THR B 233 2.39 -10.96 -6.58
C THR B 233 3.02 -10.18 -7.75
N ALA B 234 4.33 -9.85 -7.64
CA ALA B 234 5.05 -9.13 -8.73
C ALA B 234 5.28 -10.04 -9.96
N GLU B 235 4.92 -11.33 -9.85
CA GLU B 235 4.95 -12.26 -10.98
C GLU B 235 4.10 -11.67 -12.14
N VAL B 236 2.95 -11.06 -11.79
CA VAL B 236 1.99 -10.49 -12.73
C VAL B 236 2.62 -9.36 -13.56
N SER B 237 3.18 -8.37 -12.87
CA SER B 237 3.79 -7.21 -13.53
C SER B 237 5.12 -7.58 -14.20
N LEU B 238 5.99 -8.35 -13.52
CA LEU B 238 7.29 -8.77 -14.08
C LEU B 238 7.21 -9.68 -15.34
N THR B 239 6.38 -10.73 -15.31
CA THR B 239 6.27 -11.66 -16.45
C THR B 239 5.69 -10.99 -17.69
N ASN B 240 4.74 -10.07 -17.49
CA ASN B 240 4.09 -9.37 -18.57
C ASN B 240 4.96 -8.29 -19.26
N ILE B 241 6.20 -8.05 -18.78
CA ILE B 241 7.11 -7.08 -19.41
C ILE B 241 7.32 -7.45 -20.89
N VAL B 242 7.41 -8.78 -21.17
CA VAL B 242 7.70 -9.35 -22.50
C VAL B 242 6.43 -9.73 -23.34
N SER B 243 5.21 -9.44 -22.86
CA SER B 243 4.03 -9.79 -23.64
C SER B 243 3.97 -9.03 -24.97
N GLY B 244 3.55 -9.76 -26.01
CA GLY B 244 3.40 -9.27 -27.38
C GLY B 244 4.71 -8.99 -28.07
N GLN B 245 5.81 -9.56 -27.58
CA GLN B 245 7.14 -9.30 -28.12
C GLN B 245 7.84 -10.52 -28.67
N ILE B 246 8.78 -10.27 -29.61
CA ILE B 246 9.67 -11.28 -30.18
C ILE B 246 11.05 -10.88 -29.72
N LEU B 247 11.54 -11.52 -28.69
CA LEU B 247 12.86 -11.22 -28.14
C LEU B 247 14.00 -11.77 -28.98
N ASP B 248 15.19 -11.22 -28.78
CA ASP B 248 16.38 -11.72 -29.44
C ASP B 248 16.82 -12.94 -28.61
N ALA B 249 17.33 -14.02 -29.24
CA ALA B 249 17.80 -15.21 -28.51
C ALA B 249 18.93 -14.83 -27.52
N LYS B 250 19.75 -13.82 -27.91
CA LYS B 250 20.86 -13.22 -27.16
C LYS B 250 20.39 -12.59 -25.84
N GLN B 251 19.11 -12.12 -25.78
CA GLN B 251 18.50 -11.51 -24.60
C GLN B 251 18.17 -12.52 -23.50
N LEU B 252 18.17 -13.81 -23.82
CA LEU B 252 17.79 -14.88 -22.88
C LEU B 252 18.98 -15.46 -22.12
N PRO B 253 18.84 -15.77 -20.82
CA PRO B 253 17.63 -15.57 -19.98
C PRO B 253 17.42 -14.13 -19.50
N LEU B 254 16.16 -13.70 -19.40
CA LEU B 254 15.82 -12.39 -18.81
C LEU B 254 15.44 -12.69 -17.37
N LYS B 255 16.20 -12.13 -16.42
CA LYS B 255 15.97 -12.35 -15.00
C LYS B 255 15.59 -11.05 -14.30
N PHE B 256 14.41 -11.03 -13.67
CA PHE B 256 13.90 -9.86 -12.96
C PHE B 256 13.68 -10.13 -11.50
N VAL B 257 13.85 -9.09 -10.70
CA VAL B 257 13.60 -9.11 -9.27
C VAL B 257 12.94 -7.80 -8.85
N ALA B 258 11.87 -7.90 -8.08
CA ALA B 258 11.15 -6.76 -7.56
C ALA B 258 10.72 -7.05 -6.11
N HIS B 259 10.77 -6.01 -5.28
CA HIS B 259 10.29 -6.05 -3.90
C HIS B 259 8.99 -5.26 -3.96
N THR B 260 7.87 -5.92 -3.72
CA THR B 260 6.61 -5.19 -3.79
C THR B 260 5.67 -5.60 -2.67
N PRO B 261 4.68 -4.75 -2.31
CA PRO B 261 3.58 -5.25 -1.47
C PRO B 261 2.74 -6.17 -2.40
N CYS B 262 2.04 -7.13 -1.81
CA CYS B 262 1.19 -8.11 -2.49
C CYS B 262 -0.13 -8.10 -1.77
N PHE B 263 -1.21 -8.13 -2.56
CA PHE B 263 -2.56 -8.00 -2.04
C PHE B 263 -3.44 -9.13 -2.45
N ARG B 264 -4.01 -9.82 -1.46
CA ARG B 264 -4.88 -10.97 -1.70
C ARG B 264 -6.11 -10.92 -0.83
N SER B 265 -7.30 -11.11 -1.41
CA SER B 265 -8.59 -11.09 -0.68
C SER B 265 -8.64 -12.22 0.37
N GLU B 266 -7.89 -13.32 0.12
CA GLU B 266 -7.81 -14.51 0.98
C GLU B 266 -9.18 -15.12 1.20
N ALA B 267 -10.04 -15.01 0.15
CA ALA B 267 -11.44 -15.46 0.07
C ALA B 267 -11.67 -16.88 0.59
N GLY B 268 -10.84 -17.83 0.15
CA GLY B 268 -10.91 -19.24 0.56
C GLY B 268 -10.62 -19.51 2.02
N ARG B 272 -8.07 -20.43 8.52
CA ARG B 272 -6.68 -20.71 8.90
C ARG B 272 -5.81 -19.43 8.99
N ASP B 273 -4.81 -19.47 9.92
CA ASP B 273 -3.84 -18.40 10.22
C ASP B 273 -4.52 -17.08 10.58
N THR B 274 -5.59 -17.17 11.41
CA THR B 274 -6.37 -16.03 11.91
C THR B 274 -5.54 -15.20 12.92
N ARG B 275 -4.61 -15.85 13.63
CA ARG B 275 -3.72 -15.23 14.60
C ARG B 275 -2.34 -15.02 13.98
N GLY B 276 -1.90 -13.77 13.92
CA GLY B 276 -0.60 -13.41 13.38
C GLY B 276 -0.58 -12.86 11.98
N MET B 277 0.63 -12.80 11.41
CA MET B 277 0.89 -12.23 10.09
C MET B 277 1.38 -13.25 9.03
N ILE B 278 1.04 -14.53 9.23
CA ILE B 278 1.36 -15.61 8.29
C ILE B 278 0.48 -15.46 7.03
N ARG B 279 -0.81 -15.11 7.21
CA ARG B 279 -1.77 -14.95 6.11
C ARG B 279 -2.49 -13.58 6.15
N GLN B 280 -1.82 -12.56 5.64
CA GLN B 280 -2.33 -11.19 5.59
C GLN B 280 -2.92 -10.83 4.22
N HIS B 281 -3.81 -9.81 4.18
CA HIS B 281 -4.37 -9.29 2.92
C HIS B 281 -3.24 -8.53 2.17
N GLN B 282 -2.24 -8.05 2.93
CA GLN B 282 -1.10 -7.31 2.40
C GLN B 282 0.17 -7.88 3.00
N PHE B 283 1.14 -8.19 2.14
CA PHE B 283 2.44 -8.69 2.58
C PHE B 283 3.48 -8.29 1.58
N ASP B 284 4.71 -8.05 2.04
CA ASP B 284 5.81 -7.75 1.12
C ASP B 284 6.41 -9.06 0.64
N LYS B 285 6.88 -9.07 -0.61
CA LYS B 285 7.54 -10.24 -1.17
C LYS B 285 8.56 -9.82 -2.19
N VAL B 286 9.74 -10.44 -2.14
CA VAL B 286 10.80 -10.21 -3.11
C VAL B 286 10.65 -11.32 -4.16
N GLU B 287 10.13 -10.94 -5.35
CA GLU B 287 9.81 -11.88 -6.43
C GLU B 287 10.92 -12.03 -7.48
N MET B 288 11.24 -13.29 -7.85
CA MET B 288 12.20 -13.60 -8.91
C MET B 288 11.41 -14.17 -10.09
N VAL B 289 11.63 -13.63 -11.28
CA VAL B 289 10.97 -14.04 -12.52
C VAL B 289 12.06 -14.27 -13.55
N GLN B 290 11.90 -15.35 -14.34
CA GLN B 290 12.82 -15.69 -15.43
C GLN B 290 12.05 -15.91 -16.72
N ILE B 291 12.55 -15.31 -17.81
CA ILE B 291 12.02 -15.48 -19.20
C ILE B 291 13.16 -16.24 -19.87
N VAL B 292 12.91 -17.51 -20.24
CA VAL B 292 14.03 -18.35 -20.70
C VAL B 292 13.76 -19.10 -22.00
N ASP B 293 14.85 -19.60 -22.58
CA ASP B 293 14.89 -20.46 -23.76
C ASP B 293 14.20 -21.78 -23.31
N PRO B 294 13.13 -22.25 -24.02
CA PRO B 294 12.41 -23.48 -23.57
C PRO B 294 13.25 -24.73 -23.27
N ALA B 295 14.38 -24.93 -23.95
CA ALA B 295 15.22 -26.12 -23.68
C ALA B 295 15.91 -26.08 -22.29
N THR B 296 16.00 -24.89 -21.66
CA THR B 296 16.69 -24.71 -20.36
C THR B 296 15.79 -24.58 -19.12
N SER B 297 14.46 -24.48 -19.29
CA SER B 297 13.52 -24.16 -18.22
C SER B 297 13.55 -25.07 -17.00
N TYR B 298 13.79 -26.38 -17.16
CA TYR B 298 13.83 -27.30 -16.00
C TYR B 298 15.15 -27.18 -15.23
N GLU B 299 16.25 -26.83 -15.91
CA GLU B 299 17.53 -26.53 -15.27
C GLU B 299 17.37 -25.15 -14.56
N ALA B 300 16.66 -24.21 -15.23
CA ALA B 300 16.39 -22.87 -14.67
C ALA B 300 15.60 -22.96 -13.35
N LEU B 301 14.64 -23.94 -13.24
CA LEU B 301 13.86 -24.16 -12.00
C LEU B 301 14.76 -24.58 -10.84
N GLU B 302 15.75 -25.43 -11.09
CA GLU B 302 16.69 -25.87 -10.05
C GLU B 302 17.52 -24.67 -9.53
N GLY B 303 17.99 -23.81 -10.44
CA GLY B 303 18.75 -22.60 -10.12
C GLY B 303 17.92 -21.55 -9.37
N LEU B 304 16.66 -21.37 -9.79
CA LEU B 304 15.69 -20.47 -9.18
C LEU B 304 15.41 -20.89 -7.74
N THR B 305 15.15 -22.20 -7.50
CA THR B 305 14.91 -22.79 -6.16
C THR B 305 16.16 -22.58 -5.27
N ALA B 306 17.36 -22.84 -5.83
CA ALA B 306 18.64 -22.59 -5.13
C ALA B 306 18.78 -21.10 -4.73
N ASN B 307 18.29 -20.16 -5.58
CA ASN B 307 18.29 -18.70 -5.30
C ASN B 307 17.46 -18.35 -4.09
N ALA B 308 16.28 -18.99 -3.96
CA ALA B 308 15.38 -18.77 -2.83
C ALA B 308 15.97 -19.38 -1.55
N GLU B 309 16.58 -20.58 -1.69
CA GLU B 309 17.20 -21.33 -0.61
C GLU B 309 18.36 -20.56 0.00
N ARG B 310 19.16 -19.88 -0.84
CA ARG B 310 20.32 -19.09 -0.40
C ARG B 310 19.92 -17.98 0.60
N VAL B 311 18.72 -17.39 0.47
CA VAL B 311 18.22 -16.38 1.41
C VAL B 311 18.09 -16.99 2.82
N LEU B 312 17.46 -18.18 2.92
CA LEU B 312 17.25 -18.92 4.17
C LEU B 312 18.56 -19.41 4.80
N GLN B 313 19.47 -19.94 3.96
CA GLN B 313 20.79 -20.42 4.37
C GLN B 313 21.59 -19.26 4.98
N LEU B 314 21.62 -18.08 4.30
CA LEU B 314 22.35 -16.91 4.81
C LEU B 314 21.79 -16.34 6.11
N LEU B 315 20.46 -16.44 6.30
CA LEU B 315 19.78 -16.07 7.54
C LEU B 315 19.85 -17.20 8.59
N GLU B 316 20.46 -18.35 8.23
CA GLU B 316 20.61 -19.54 9.07
C GLU B 316 19.24 -20.01 9.58
N LEU B 317 18.25 -20.03 8.68
CA LEU B 317 16.91 -20.49 9.01
C LEU B 317 16.71 -21.90 8.48
N PRO B 318 16.61 -22.93 9.37
CA PRO B 318 16.40 -24.30 8.89
C PRO B 318 15.10 -24.42 8.11
N TYR B 319 15.14 -25.20 7.03
CA TYR B 319 14.01 -25.35 6.12
C TYR B 319 14.01 -26.72 5.46
N ARG B 320 12.97 -27.01 4.68
CA ARG B 320 12.85 -28.22 3.88
C ARG B 320 12.31 -27.82 2.52
N VAL B 321 12.55 -28.65 1.52
CA VAL B 321 12.13 -28.41 0.14
C VAL B 321 11.12 -29.50 -0.21
N LEU B 322 9.94 -29.08 -0.70
CA LEU B 322 8.91 -30.03 -1.14
C LEU B 322 8.69 -29.96 -2.64
N ALA B 323 8.61 -31.13 -3.29
CA ALA B 323 8.20 -31.26 -4.68
C ALA B 323 6.68 -31.45 -4.57
N LEU B 324 5.90 -30.46 -5.06
CA LEU B 324 4.44 -30.54 -4.98
C LEU B 324 3.94 -31.62 -5.90
N CYS B 325 2.93 -32.40 -5.45
CA CYS B 325 2.34 -33.45 -6.27
C CYS B 325 1.34 -32.80 -7.26
N THR B 326 0.93 -33.57 -8.30
CA THR B 326 -0.01 -33.10 -9.34
C THR B 326 -1.29 -32.44 -8.78
N GLY B 327 -1.87 -33.02 -7.73
CA GLY B 327 -3.10 -32.52 -7.12
C GLY B 327 -2.97 -31.32 -6.19
N ASP B 328 -1.73 -30.86 -5.91
CA ASP B 328 -1.51 -29.72 -5.04
C ASP B 328 -0.84 -28.50 -5.74
N MET B 329 -0.49 -28.62 -7.01
CA MET B 329 0.17 -27.48 -7.65
C MET B 329 -0.81 -26.40 -8.16
N GLY B 330 -0.27 -25.18 -8.31
CA GLY B 330 -0.97 -24.01 -8.80
C GLY B 330 -1.33 -24.16 -10.26
N PHE B 331 -2.43 -23.50 -10.65
CA PHE B 331 -3.03 -23.51 -12.00
C PHE B 331 -2.03 -23.38 -13.17
N GLY B 332 -1.11 -22.41 -13.08
CA GLY B 332 -0.16 -22.10 -14.14
C GLY B 332 1.15 -22.84 -14.15
N SER B 333 1.38 -23.74 -13.18
CA SER B 333 2.65 -24.47 -13.06
C SER B 333 2.70 -25.85 -13.73
N THR B 334 3.91 -26.21 -14.25
CA THR B 334 4.23 -27.54 -14.79
C THR B 334 4.97 -28.35 -13.71
N LYS B 335 5.70 -27.66 -12.81
CA LYS B 335 6.52 -28.22 -11.73
C LYS B 335 6.80 -27.13 -10.68
N THR B 336 6.58 -27.48 -9.41
CA THR B 336 6.79 -26.57 -8.28
C THR B 336 7.56 -27.20 -7.12
N TYR B 337 8.44 -26.39 -6.55
CA TYR B 337 9.13 -26.68 -5.31
C TYR B 337 8.70 -25.62 -4.31
N ASP B 338 8.26 -26.06 -3.12
CA ASP B 338 7.92 -25.16 -2.03
C ASP B 338 9.03 -25.21 -1.01
N LEU B 339 9.36 -24.04 -0.45
CA LEU B 339 10.31 -23.97 0.65
C LEU B 339 9.44 -23.76 1.89
N GLU B 340 9.76 -24.50 2.96
CA GLU B 340 9.03 -24.41 4.19
C GLU B 340 10.04 -24.19 5.28
N VAL B 341 9.90 -23.10 6.02
CA VAL B 341 10.84 -22.73 7.06
C VAL B 341 10.41 -23.29 8.41
N TRP B 342 11.38 -23.63 9.27
CA TRP B 342 11.05 -24.10 10.61
C TRP B 342 10.41 -22.96 11.42
N VAL B 343 9.31 -23.26 12.11
CA VAL B 343 8.58 -22.31 12.97
C VAL B 343 8.52 -22.96 14.36
N PRO B 344 9.46 -22.57 15.26
CA PRO B 344 9.55 -23.18 16.61
C PRO B 344 8.25 -23.29 17.43
N SER B 345 7.39 -22.26 17.43
CA SER B 345 6.14 -22.29 18.21
C SER B 345 5.12 -23.26 17.63
N GLN B 346 5.29 -23.63 16.34
CA GLN B 346 4.37 -24.53 15.68
C GLN B 346 4.88 -25.96 15.63
N ASP B 347 6.17 -26.15 15.95
CA ASP B 347 6.87 -27.44 15.95
C ASP B 347 6.78 -28.16 14.57
N LYS B 348 6.82 -27.35 13.50
CA LYS B 348 6.71 -27.81 12.12
C LYS B 348 7.31 -26.80 11.17
N TYR B 349 7.46 -27.20 9.90
CA TYR B 349 7.89 -26.30 8.83
C TYR B 349 6.65 -25.66 8.22
N ARG B 350 6.74 -24.38 7.83
CA ARG B 350 5.67 -23.63 7.19
C ARG B 350 6.17 -22.96 5.91
N GLU B 351 5.35 -23.05 4.86
CA GLU B 351 5.60 -22.46 3.53
C GLU B 351 6.01 -20.99 3.63
N ILE B 352 7.09 -20.62 2.90
CA ILE B 352 7.68 -19.28 2.84
C ILE B 352 8.01 -18.90 1.38
N SER B 353 7.99 -19.89 0.46
CA SER B 353 8.31 -19.68 -0.94
C SER B 353 7.70 -20.76 -1.81
N SER B 354 7.38 -20.41 -3.05
CA SER B 354 6.89 -21.33 -4.08
C SER B 354 7.69 -20.99 -5.33
N CYS B 355 8.47 -21.95 -5.88
CA CYS B 355 9.28 -21.78 -7.09
C CYS B 355 8.71 -22.69 -8.17
N SER B 356 8.29 -22.09 -9.31
CA SER B 356 7.62 -22.80 -10.39
C SER B 356 8.19 -22.55 -11.74
N ASN B 357 8.06 -23.57 -12.62
CA ASN B 357 8.32 -23.49 -14.04
C ASN B 357 6.93 -23.51 -14.63
N CYS B 358 6.61 -22.55 -15.48
CA CYS B 358 5.30 -22.45 -16.12
C CYS B 358 5.32 -22.99 -17.54
N GLY B 359 6.50 -23.37 -18.05
CA GLY B 359 6.65 -23.82 -19.43
C GLY B 359 6.21 -22.72 -20.38
N ASP B 360 5.48 -23.06 -21.45
CA ASP B 360 4.99 -22.08 -22.44
C ASP B 360 3.56 -21.55 -22.16
N PHE B 361 2.97 -21.92 -21.01
CA PHE B 361 1.58 -21.62 -20.60
C PHE B 361 1.26 -20.14 -20.52
N GLN B 362 2.05 -19.36 -19.76
CA GLN B 362 1.84 -17.92 -19.66
C GLN B 362 2.28 -17.25 -20.95
N ALA B 363 3.41 -17.71 -21.55
CA ALA B 363 3.94 -17.22 -22.83
C ALA B 363 2.88 -17.28 -23.94
N ARG B 364 2.08 -18.38 -23.97
CA ARG B 364 0.99 -18.52 -24.94
C ARG B 364 -0.12 -17.44 -24.73
N ARG B 365 -0.49 -17.18 -23.47
CA ARG B 365 -1.49 -16.18 -23.11
C ARG B 365 -1.00 -14.77 -23.44
N MET B 366 0.31 -14.52 -23.24
CA MET B 366 0.96 -13.22 -23.45
C MET B 366 1.42 -12.99 -24.87
N GLN B 367 1.50 -14.04 -25.69
CA GLN B 367 2.10 -14.00 -27.03
C GLN B 367 3.55 -13.48 -26.91
N ALA B 368 4.26 -13.99 -25.87
CA ALA B 368 5.66 -13.68 -25.58
C ALA B 368 6.52 -14.73 -26.29
N ARG B 369 7.30 -14.26 -27.30
CA ARG B 369 8.16 -15.10 -28.13
C ARG B 369 9.62 -14.65 -28.17
N TYR B 370 10.47 -15.48 -28.77
CA TYR B 370 11.89 -15.19 -29.04
C TYR B 370 12.18 -15.77 -30.41
N ARG B 371 13.14 -15.18 -31.15
CA ARG B 371 13.48 -15.69 -32.46
C ARG B 371 14.49 -16.84 -32.26
N ASN B 372 14.03 -18.11 -32.45
CA ASN B 372 14.85 -19.32 -32.31
C ASN B 372 16.10 -19.18 -33.21
N PRO B 373 17.33 -19.29 -32.64
CA PRO B 373 18.54 -19.10 -33.46
C PRO B 373 18.80 -20.14 -34.54
N GLU B 374 18.17 -21.32 -34.42
CA GLU B 374 18.31 -22.44 -35.37
C GLU B 374 17.38 -22.33 -36.58
N THR B 375 16.07 -22.07 -36.34
CA THR B 375 15.02 -22.03 -37.35
C THR B 375 14.67 -20.62 -37.88
N GLY B 376 14.92 -19.59 -37.08
CA GLY B 376 14.60 -18.21 -37.45
C GLY B 376 13.15 -17.88 -37.17
N LYS B 377 12.39 -18.91 -36.72
CA LYS B 377 10.97 -18.89 -36.38
C LYS B 377 10.74 -18.29 -34.97
N PRO B 378 9.79 -17.34 -34.83
CA PRO B 378 9.47 -16.83 -33.48
C PRO B 378 8.74 -17.93 -32.72
N GLU B 379 9.34 -18.42 -31.62
CA GLU B 379 8.79 -19.51 -30.81
C GLU B 379 8.45 -18.98 -29.43
N LEU B 380 7.50 -19.63 -28.73
CA LEU B 380 7.13 -19.23 -27.38
C LEU B 380 8.33 -19.41 -26.42
N VAL B 381 8.46 -18.50 -25.44
CA VAL B 381 9.52 -18.57 -24.41
C VAL B 381 8.95 -19.45 -23.29
N HIS B 382 9.75 -19.76 -22.26
CA HIS B 382 9.22 -20.41 -21.06
C HIS B 382 9.33 -19.37 -19.96
N THR B 383 8.41 -19.40 -19.00
CA THR B 383 8.47 -18.44 -17.88
C THR B 383 8.57 -19.20 -16.57
N LEU B 384 9.21 -18.58 -15.57
CA LEU B 384 9.39 -19.18 -14.24
C LEU B 384 9.24 -18.08 -13.21
N ASN B 385 8.79 -18.43 -12.01
CA ASN B 385 8.68 -17.46 -10.91
C ASN B 385 8.90 -18.14 -9.58
N GLY B 386 9.45 -17.40 -8.62
CA GLY B 386 9.70 -17.94 -7.29
C GLY B 386 9.87 -16.86 -6.25
N SER B 387 9.39 -17.11 -5.03
CA SER B 387 9.54 -16.13 -3.93
C SER B 387 10.96 -16.23 -3.39
N GLY B 388 11.63 -15.10 -3.25
CA GLY B 388 12.97 -15.10 -2.68
C GLY B 388 13.18 -14.00 -1.68
N LEU B 389 12.31 -13.82 -0.66
CA LEU B 389 11.16 -14.64 -0.20
C LEU B 389 9.93 -13.74 0.10
N ALA B 390 8.88 -14.34 0.70
CA ALA B 390 7.74 -13.61 1.27
C ALA B 390 8.36 -13.01 2.54
N VAL B 391 8.43 -11.67 2.62
CA VAL B 391 9.12 -10.93 3.68
C VAL B 391 8.45 -11.07 5.07
N GLY B 392 7.12 -10.94 5.14
CA GLY B 392 6.40 -11.07 6.41
C GLY B 392 6.63 -12.42 7.06
N ARG B 393 6.57 -13.50 6.26
CA ARG B 393 6.83 -14.87 6.74
C ARG B 393 8.28 -15.07 7.13
N THR B 394 9.24 -14.35 6.48
CA THR B 394 10.65 -14.43 6.89
C THR B 394 10.82 -13.73 8.24
N LEU B 395 10.11 -12.60 8.46
CA LEU B 395 10.13 -11.88 9.73
C LEU B 395 9.61 -12.77 10.89
N VAL B 396 8.53 -13.57 10.64
CA VAL B 396 7.98 -14.54 11.59
C VAL B 396 9.08 -15.57 11.96
N ALA B 397 9.75 -16.13 10.93
CA ALA B 397 10.80 -17.12 11.08
C ALA B 397 12.01 -16.54 11.85
N VAL B 398 12.39 -15.28 11.53
CA VAL B 398 13.49 -14.59 12.22
C VAL B 398 13.14 -14.34 13.71
N LEU B 399 11.96 -13.76 14.01
CA LEU B 399 11.55 -13.48 15.40
C LEU B 399 11.54 -14.74 16.26
N GLU B 400 10.98 -15.84 15.72
CA GLU B 400 10.84 -17.12 16.42
C GLU B 400 12.10 -17.93 16.55
N ASN B 401 12.91 -18.04 15.46
CA ASN B 401 14.14 -18.84 15.55
C ASN B 401 15.26 -18.15 16.32
N TYR B 402 15.23 -16.79 16.34
CA TYR B 402 16.24 -15.96 16.98
C TYR B 402 15.86 -15.44 18.37
N GLN B 403 14.71 -15.91 18.94
CA GLN B 403 14.30 -15.49 20.29
C GLN B 403 15.25 -16.05 21.35
N GLN B 404 15.36 -15.34 22.48
CA GLN B 404 16.19 -15.69 23.64
C GLN B 404 15.23 -15.89 24.82
N ALA B 405 15.74 -16.43 25.95
CA ALA B 405 14.95 -16.74 27.16
C ALA B 405 14.17 -15.55 27.70
N ASP B 406 14.80 -14.36 27.76
CA ASP B 406 14.18 -13.12 28.25
C ASP B 406 13.12 -12.54 27.30
N GLY B 407 12.98 -13.09 26.09
CA GLY B 407 12.00 -12.60 25.13
C GLY B 407 12.56 -11.62 24.12
N SER B 408 13.89 -11.35 24.17
CA SER B 408 14.55 -10.46 23.22
C SER B 408 14.86 -11.25 21.98
N ILE B 409 15.26 -10.57 20.91
CA ILE B 409 15.52 -11.25 19.64
C ILE B 409 16.93 -10.93 19.15
N ARG B 410 17.71 -11.98 18.88
CA ARG B 410 19.04 -11.80 18.32
C ARG B 410 18.89 -11.39 16.85
N VAL B 411 19.68 -10.40 16.42
CA VAL B 411 19.63 -9.94 15.03
C VAL B 411 20.47 -10.88 14.16
N PRO B 412 19.92 -11.46 13.06
CA PRO B 412 20.74 -12.34 12.21
C PRO B 412 21.98 -11.58 11.70
N GLU B 413 23.11 -12.29 11.60
CA GLU B 413 24.39 -11.72 11.18
C GLU B 413 24.32 -10.87 9.93
N VAL B 414 23.67 -11.37 8.87
CA VAL B 414 23.60 -10.69 7.57
C VAL B 414 22.74 -9.43 7.61
N LEU B 415 21.89 -9.29 8.64
CA LEU B 415 21.00 -8.13 8.78
C LEU B 415 21.57 -7.00 9.65
N LYS B 416 22.64 -7.27 10.41
CA LYS B 416 23.33 -6.29 11.27
C LYS B 416 23.78 -5.00 10.51
N PRO B 417 24.30 -5.07 9.24
CA PRO B 417 24.63 -3.84 8.50
C PRO B 417 23.43 -2.90 8.21
N TYR B 418 22.21 -3.44 8.27
CA TYR B 418 20.95 -2.71 8.01
C TYR B 418 20.27 -2.28 9.31
N MET B 419 20.77 -2.75 10.46
CA MET B 419 20.08 -2.49 11.71
C MET B 419 20.63 -1.33 12.55
N ALA B 420 21.38 -0.40 11.93
CA ALA B 420 21.93 0.80 12.60
C ALA B 420 22.50 0.55 14.02
N GLY B 421 23.34 -0.47 14.15
CA GLY B 421 24.00 -0.82 15.41
C GLY B 421 23.23 -1.81 16.28
N ILE B 422 21.90 -1.99 16.05
CA ILE B 422 21.09 -2.92 16.84
C ILE B 422 21.53 -4.36 16.58
N GLU B 423 21.83 -5.09 17.66
CA GLU B 423 22.26 -6.48 17.58
C GLU B 423 21.29 -7.39 18.33
N VAL B 424 20.56 -6.80 19.29
CA VAL B 424 19.54 -7.50 20.08
C VAL B 424 18.31 -6.59 20.14
N ILE B 425 17.14 -7.12 19.71
CA ILE B 425 15.87 -6.40 19.74
C ILE B 425 15.17 -6.70 21.08
N GLY B 426 14.98 -5.66 21.89
CA GLY B 426 14.32 -5.77 23.19
C GLY B 426 15.22 -6.36 24.28
C1 EDO C . 23.65 18.70 -8.98
O1 EDO C . 23.98 18.91 -7.62
C2 EDO C . 23.91 19.98 -9.78
O2 EDO C . 23.11 21.04 -9.25
C1 EDO D . 7.41 5.67 -7.87
O1 EDO D . 7.72 6.75 -6.98
C2 EDO D . 7.32 6.17 -9.34
O2 EDO D . 6.28 7.12 -9.49
C1 EDO E . -2.90 15.01 1.25
O1 EDO E . -3.44 15.19 2.53
C2 EDO E . -3.92 14.35 0.32
O2 EDO E . -4.26 13.06 0.79
O1S FZQ F . -0.76 15.98 -1.08
O2S FZQ F . 1.02 17.69 -1.08
N FZQ F . 0.82 13.76 3.63
CA FZQ F . 1.04 15.08 3.03
C FZQ F . 0.65 15.03 1.59
O FZQ F . 0.32 13.98 1.02
CB FZQ F . 2.50 15.47 3.16
OG FZQ F . 3.32 14.52 2.50
C1' FZQ F . 3.98 14.61 -4.33
C2 FZQ F . 3.51 13.14 -6.27
C2' FZQ F . 4.14 16.15 -4.38
C3' FZQ F . 3.55 16.61 -3.03
C4 FZQ F . 1.31 12.79 -7.02
C4' FZQ F . 3.79 15.39 -2.15
C5 FZQ F . 0.80 13.73 -6.06
C5' FZQ F . 2.93 15.29 -0.92
C6 FZQ F . 1.68 14.33 -5.24
N1 FZQ F . 3.04 14.04 -5.31
N3 FZQ F . 2.62 12.54 -7.12
N3S FZQ F . 0.69 16.28 0.87
N4 FZQ F . 0.47 12.11 -7.81
O2 FZQ F . 4.72 12.86 -6.29
O2' FZQ F . 5.51 16.51 -4.47
O3' FZQ F . 4.26 17.71 -2.50
O4' FZQ F . 3.54 14.28 -3.02
O5' FZQ F . 1.53 15.31 -1.33
S FZQ F . 0.54 16.41 -0.72
NA NA G . 0.89 19.94 -1.90
C1 EDO H . 18.41 -20.66 15.14
O1 EDO H . 18.03 -21.65 14.19
C2 EDO H . 18.77 -19.37 14.37
O2 EDO H . 19.68 -19.69 13.33
C1 EDO I . 13.14 -37.03 2.46
O1 EDO I . 13.59 -38.24 3.03
C2 EDO I . 14.32 -36.05 2.14
O2 EDO I . 14.73 -35.32 3.30
C1 EDO J . 3.65 -7.79 6.70
O1 EDO J . 2.72 -8.75 6.24
C2 EDO J . 4.44 -7.21 5.51
O2 EDO J . 5.20 -8.21 4.83
O1S FZQ K . 1.05 -17.70 -4.31
O2S FZQ K . 2.64 -19.37 -3.40
N FZQ K . 4.52 -15.55 -7.83
CA FZQ K . 4.58 -16.83 -7.11
C FZQ K . 3.52 -16.79 -6.01
O FZQ K . 2.92 -15.75 -5.70
CB FZQ K . 5.96 -17.03 -6.51
OG FZQ K . 6.21 -16.11 -5.45
C1' FZQ K . 3.56 -16.27 0.82
C2 FZQ K . 2.10 -14.85 2.27
C2' FZQ K . 3.69 -17.81 0.91
C3' FZQ K . 3.83 -18.23 -0.55
C4 FZQ K . -0.21 -14.70 1.87
C4' FZQ K . 4.47 -17.01 -1.19
C5 FZQ K . -0.12 -15.62 0.78
C5' FZQ K . 4.32 -16.89 -2.69
C6 FZQ K . 1.10 -16.11 0.47
N1 FZQ K . 2.22 -15.74 1.19
N3 FZQ K . 0.88 -14.37 2.59
N3S FZQ K . 3.24 -18.01 -5.33
N4 FZQ K . -1.35 -14.08 2.13
O2 FZQ K . 3.12 -14.53 2.90
O2' FZQ K . 4.85 -18.15 1.65
O3' FZQ K . 4.66 -19.38 -0.73
O4' FZQ K . 3.85 -15.90 -0.52
O5' FZQ K . 2.89 -16.98 -2.98
S FZQ K . 2.38 -18.10 -4.00
NA NA L . 2.03 -21.45 -2.63
#